data_8YYX
#
_entry.id   8YYX
#
loop_
_entity.id
_entity.type
_entity.pdbx_description
1 polymer scFV16
2 polymer 'Guanine nucleotide-binding protein G(I)/G(S)/G(T) subunit beta-1'
3 polymer 'Guanine nucleotide-binding protein G(i) subunit alpha-1,Guanine nucleotide-binding protein G(q) subunit alpha'
4 polymer 'Guanine nucleotide-binding protein G(I)/G(S)/G(O) subunit gamma-2'
5 polymer '2-oxoglutarate receptor 1'
6 non-polymer CHOLESTEROL
7 non-polymer '(5~{S},6~{R},7~{E},9~{E},11~{Z},14~{Z})-6-[(2~{R})-2-azanyl-3-oxidanyl-3-oxidanylidene-propyl]sulfanyl-5-oxidanyl-icosa-7,9,11,14-tetraenoic acid'
8 water water
#
loop_
_entity_poly.entity_id
_entity_poly.type
_entity_poly.pdbx_seq_one_letter_code
_entity_poly.pdbx_strand_id
1 'polypeptide(L)'
;DVQLVESGGGLVQPGGSRKLSCSASGFAFSSFGMHWVRQAPEKGLEWVAYISSGSGTIYYADTVKGRFTISRDDPKNTLF
LQMTSLRSEDTAMYYCVRSIYYYGSSPFDFWGQGTTLTVSSGGGGSGGGGSGGGGSDIVMTQATSSVPVTPGESVSISCR
SSKSLLHSNGNTYLYWFLQRPGQSPQLLIYRMSNLASGVPDRFSGSGSGTAFTLTISRLEAEDVGVYYCMQHLEYPLTFG
AGTKLEL
;
A
2 'polypeptide(L)'
;SELDQLRQEAEQLKNQIRDARKACADATLSQITNNIDPVGRIQMRTRRTLRGHLAKIYAMHWGTDSRLLVSASQDGKLII
WDSYTTNKVHAIPLRSSWVMTCAYAPSGNYVACGGLDNICSIYNLKTREGNVRVSRELAGHTGYLSCCRFLDDNQIVTSS
GDTTCALWDIETGQQTTTFTGHTGDVMSLSLAPDTRLFVSGACDASAKLWDVREGMCRQTFTGHESDINAICFFPNGNAF
ATGSDDATCRLFDLRADQELMTYSHDNIICGITSVSFSKSGRLLLAGYDDFNCNVWDALKADRAGVLAGHDNRVSCLGVT
DDGMAVATGSWDSFLKIWN
;
B
3 'polypeptide(L)'
;MGCTLSAEDKAAVERSKMIDRNLREDGEKAAREVKLLLLGAGESGKSTIVKQMKIIHEAGYSEEECKQYKAVVYSNTIQS
IIAIIRAMGRLKIDFGDSARADDARQLFVLAGAAEEGFMTAELAGVIKRLWKDSGVQACFNRSREYQLNDSAAYYLNDLD
RIAQPNYIPTQQDVLRTRVKTTGIVETHFTFKDLHFKMFDVGAQRSERKKWIHCFEGVTAIIFCVALSDYDLVLAEDEEM
NRMHESMKLFDSICNNKWFTDTSIILFLNKKDLFEEKIKKSPLTICYPEYAGSNTYEEAAAYIQCQFEDLNKRKDTKEIY
THFTCSTDTENIRFVFAAVKDTILQLNLKEYNLV
;
C
4 'polypeptide(L)' MASNNTASIAQARKLVEQLKMEANIDRIKVSKAAADLMAYCEAHAKEDPLLTPVPASENPFREKKFFCAIL D
5 'polypeptide(L)'
;MNEPLDYLANASDFPDYAAAFGNCTDENIPLKMHYLPVIYGIIFLVGFPGNAVVISTYIFKMRPWKSSTIIMLNLACTDL
LYLTSLPFLIHYYASGENWIFGDFMCKFIRFSFHFNLYSSILFLTCFSIFRYCVIIHPMSCFSIHKTRCAVVACAVVWII
SLVAVIPMTFLITSTNRTNRSACLDLTSSDELNTIKWYNLILTATTFCLPLVIVTLCYTTIIHTLTHGLQTDSCLKQKAR
RLTILLLLAFYVCFLPFHILRVIRIESRLLSISCSIENQIHEAYIVSRPLAALNTFGNLLLYVVVSDNFQQAVCSTVRCK
VSGNLEQAKKISYSNNP
;
E
#
loop_
_chem_comp.id
_chem_comp.type
_chem_comp.name
_chem_comp.formula
A1D7P non-polymer '(5~{S},6~{R},7~{E},9~{E},11~{Z},14~{Z})-6-[(2~{R})-2-azanyl-3-oxidanyl-3-oxidanylidene-propyl]sulfanyl-5-oxidanyl-icosa-7,9,11,14-tetraenoic acid' 'C23 H37 N O5 S'
CLR non-polymer CHOLESTEROL 'C27 H46 O'
#
# COMPACT_ATOMS: atom_id res chain seq x y z
N VAL A 2 -27.45 3.76 21.33
CA VAL A 2 -27.78 2.60 20.51
C VAL A 2 -29.24 2.22 20.72
N GLN A 3 -30.02 2.29 19.65
CA GLN A 3 -31.45 2.01 19.74
C GLN A 3 -31.93 1.40 18.43
N LEU A 4 -32.79 0.39 18.55
CA LEU A 4 -33.51 -0.20 17.42
C LEU A 4 -34.98 -0.23 17.76
N VAL A 5 -35.81 0.34 16.89
CA VAL A 5 -37.24 0.45 17.12
C VAL A 5 -37.98 -0.25 15.99
N GLU A 6 -38.90 -1.13 16.34
CA GLU A 6 -39.62 -1.95 15.38
C GLU A 6 -41.05 -1.43 15.18
N SER A 7 -41.50 -1.48 13.93
CA SER A 7 -42.84 -1.06 13.55
C SER A 7 -43.46 -2.09 12.63
N GLY A 8 -44.78 -2.22 12.73
CA GLY A 8 -45.52 -3.20 11.97
C GLY A 8 -46.43 -4.04 12.84
N GLY A 9 -46.53 -5.34 12.55
CA GLY A 9 -47.34 -6.21 13.38
C GLY A 9 -48.83 -5.98 13.19
N GLY A 10 -49.59 -6.48 14.16
CA GLY A 10 -51.04 -6.36 14.14
C GLY A 10 -51.73 -7.60 13.63
N LEU A 11 -53.06 -7.53 13.64
CA LEU A 11 -53.88 -8.65 13.20
C LEU A 11 -53.76 -8.83 11.69
N VAL A 12 -53.50 -10.07 11.26
CA VAL A 12 -53.35 -10.39 9.85
C VAL A 12 -54.15 -11.65 9.56
N GLN A 13 -54.94 -11.62 8.50
CA GLN A 13 -55.66 -12.79 8.03
C GLN A 13 -54.70 -13.73 7.30
N PRO A 14 -54.96 -15.04 7.33
CA PRO A 14 -54.08 -15.97 6.62
C PRO A 14 -54.01 -15.66 5.13
N GLY A 15 -52.82 -15.84 4.56
CA GLY A 15 -52.58 -15.51 3.17
C GLY A 15 -52.28 -14.06 2.89
N GLY A 16 -52.26 -13.22 3.91
CA GLY A 16 -51.99 -11.80 3.72
C GLY A 16 -50.51 -11.51 3.62
N SER A 17 -50.20 -10.22 3.58
CA SER A 17 -48.83 -9.75 3.47
C SER A 17 -48.63 -8.58 4.42
N ARG A 18 -47.37 -8.36 4.79
CA ARG A 18 -47.02 -7.25 5.67
C ARG A 18 -45.55 -6.93 5.50
N LYS A 19 -45.15 -5.78 6.04
CA LYS A 19 -43.76 -5.31 5.99
C LYS A 19 -43.37 -4.79 7.36
N LEU A 20 -42.51 -5.53 8.05
CA LEU A 20 -41.98 -5.08 9.32
C LEU A 20 -40.75 -4.21 9.09
N SER A 21 -40.62 -3.15 9.91
CA SER A 21 -39.51 -2.21 9.77
C SER A 21 -38.77 -2.11 11.09
N CYS A 22 -37.45 -1.92 11.00
CA CYS A 22 -36.60 -1.72 12.17
C CYS A 22 -35.68 -0.53 11.90
N SER A 23 -35.86 0.53 12.69
CA SER A 23 -35.14 1.79 12.52
C SER A 23 -34.04 1.85 13.56
N ALA A 24 -32.82 2.11 13.11
CA ALA A 24 -31.64 2.11 13.97
C ALA A 24 -31.14 3.53 14.19
N SER A 25 -30.63 3.80 15.39
CA SER A 25 -30.07 5.11 15.70
C SER A 25 -28.97 4.95 16.74
N GLY A 26 -27.98 5.83 16.67
CA GLY A 26 -26.93 5.85 17.66
C GLY A 26 -25.71 5.02 17.35
N PHE A 27 -25.61 4.45 16.15
CA PHE A 27 -24.42 3.68 15.78
C PHE A 27 -24.32 3.65 14.26
N ALA A 28 -23.16 3.22 13.77
CA ALA A 28 -22.91 3.11 12.34
C ALA A 28 -23.69 1.94 11.76
N PHE A 29 -24.87 2.22 11.21
CA PHE A 29 -25.75 1.15 10.76
C PHE A 29 -25.14 0.35 9.61
N SER A 30 -24.47 1.02 8.67
CA SER A 30 -24.01 0.36 7.46
C SER A 30 -22.86 -0.62 7.71
N SER A 31 -22.24 -0.60 8.89
CA SER A 31 -21.12 -1.48 9.19
C SER A 31 -21.53 -2.76 9.89
N PHE A 32 -22.83 -2.95 10.18
CA PHE A 32 -23.31 -4.08 10.95
C PHE A 32 -24.16 -4.98 10.08
N GLY A 33 -23.94 -6.29 10.18
CA GLY A 33 -24.89 -7.24 9.65
C GLY A 33 -26.11 -7.35 10.56
N MET A 34 -27.24 -7.70 9.97
CA MET A 34 -28.50 -7.65 10.70
C MET A 34 -29.21 -8.99 10.62
N HIS A 35 -29.91 -9.33 11.70
CA HIS A 35 -30.68 -10.55 11.80
C HIS A 35 -32.10 -10.23 12.22
N TRP A 36 -33.05 -11.01 11.71
CA TRP A 36 -34.41 -11.06 12.23
C TRP A 36 -34.58 -12.38 12.97
N VAL A 37 -35.00 -12.29 14.22
CA VAL A 37 -35.19 -13.44 15.10
C VAL A 37 -36.56 -13.34 15.73
N ARG A 38 -37.34 -14.42 15.66
CA ARG A 38 -38.71 -14.42 16.17
C ARG A 38 -38.86 -15.39 17.33
N GLN A 39 -39.80 -15.08 18.21
CA GLN A 39 -40.13 -15.93 19.34
C GLN A 39 -41.64 -16.10 19.42
N ALA A 40 -42.09 -17.36 19.47
CA ALA A 40 -43.51 -17.66 19.51
C ALA A 40 -44.10 -17.23 20.86
N PRO A 41 -45.46 -17.14 20.96
CA PRO A 41 -46.08 -16.63 22.19
C PRO A 41 -45.47 -17.11 23.49
N GLU A 42 -45.44 -18.42 23.75
CA GLU A 42 -44.67 -18.96 24.87
C GLU A 42 -43.83 -20.14 24.35
N LYS A 43 -42.72 -19.81 23.71
CA LYS A 43 -41.76 -20.77 23.15
C LYS A 43 -40.37 -20.21 23.44
N GLY A 44 -39.37 -20.77 22.76
CA GLY A 44 -38.03 -20.24 22.78
C GLY A 44 -37.74 -19.41 21.54
N LEU A 45 -36.53 -18.86 21.50
CA LEU A 45 -36.11 -18.04 20.38
C LEU A 45 -35.92 -18.90 19.12
N GLU A 46 -36.08 -18.26 17.97
CA GLU A 46 -35.97 -18.95 16.69
C GLU A 46 -35.42 -17.99 15.65
N TRP A 47 -34.26 -18.31 15.09
CA TRP A 47 -33.65 -17.48 14.06
C TRP A 47 -34.51 -17.50 12.79
N VAL A 48 -34.57 -16.36 12.10
CA VAL A 48 -35.43 -16.23 10.93
C VAL A 48 -34.61 -15.88 9.70
N ALA A 49 -33.88 -14.76 9.73
CA ALA A 49 -33.20 -14.32 8.52
C ALA A 49 -31.98 -13.49 8.87
N TYR A 50 -31.08 -13.35 7.88
CA TYR A 50 -29.85 -12.60 8.06
C TYR A 50 -29.47 -11.90 6.77
N ILE A 51 -29.05 -10.64 6.88
CA ILE A 51 -28.53 -9.88 5.74
C ILE A 51 -27.18 -9.28 6.13
N SER A 52 -26.20 -9.44 5.26
CA SER A 52 -24.82 -9.05 5.54
C SER A 52 -24.65 -7.54 5.36
N SER A 53 -23.54 -7.01 5.86
CA SER A 53 -23.17 -5.62 5.66
C SER A 53 -22.84 -5.41 4.19
N GLY A 54 -23.46 -4.40 3.58
CA GLY A 54 -23.35 -4.20 2.15
C GLY A 54 -24.31 -5.03 1.32
N SER A 55 -25.18 -5.81 1.96
CA SER A 55 -26.19 -6.62 1.29
C SER A 55 -25.57 -7.64 0.34
N GLY A 56 -24.34 -8.07 0.62
CA GLY A 56 -23.68 -9.03 -0.25
C GLY A 56 -24.07 -10.46 -0.01
N THR A 57 -24.56 -10.78 1.19
CA THR A 57 -24.92 -12.14 1.54
C THR A 57 -26.26 -12.14 2.27
N ILE A 58 -27.13 -13.08 1.92
CA ILE A 58 -28.45 -13.20 2.51
C ILE A 58 -28.71 -14.66 2.86
N TYR A 59 -29.23 -14.90 4.06
CA TYR A 59 -29.55 -16.25 4.51
C TYR A 59 -30.97 -16.28 5.08
N TYR A 60 -31.69 -17.36 4.79
CA TYR A 60 -33.05 -17.56 5.27
C TYR A 60 -33.14 -18.91 5.98
N ALA A 61 -34.13 -19.02 6.85
CA ALA A 61 -34.46 -20.30 7.45
C ALA A 61 -35.31 -21.12 6.49
N ASP A 62 -35.33 -22.44 6.71
CA ASP A 62 -36.09 -23.32 5.85
C ASP A 62 -37.59 -23.07 5.96
N THR A 63 -38.07 -22.65 7.13
CA THR A 63 -39.49 -22.44 7.33
C THR A 63 -40.02 -21.25 6.54
N VAL A 64 -39.19 -20.23 6.33
CA VAL A 64 -39.62 -18.99 5.70
C VAL A 64 -39.02 -18.80 4.31
N LYS A 65 -38.18 -19.72 3.86
CA LYS A 65 -37.57 -19.58 2.54
C LYS A 65 -38.63 -19.62 1.45
N GLY A 66 -38.51 -18.73 0.47
CA GLY A 66 -39.48 -18.61 -0.59
C GLY A 66 -40.71 -17.80 -0.23
N ARG A 67 -40.81 -17.32 0.99
CA ARG A 67 -41.95 -16.53 1.46
C ARG A 67 -41.55 -15.18 2.00
N PHE A 68 -40.42 -15.08 2.70
CA PHE A 68 -39.97 -13.85 3.31
C PHE A 68 -38.85 -13.22 2.51
N THR A 69 -38.73 -11.90 2.61
CA THR A 69 -37.65 -11.16 1.98
C THR A 69 -37.07 -10.17 2.97
N ILE A 70 -35.74 -10.09 3.03
CA ILE A 70 -35.04 -9.19 3.93
C ILE A 70 -34.27 -8.18 3.10
N SER A 71 -34.31 -6.92 3.52
CA SER A 71 -33.63 -5.85 2.79
C SER A 71 -33.21 -4.77 3.76
N ARG A 72 -32.32 -3.89 3.31
CA ARG A 72 -31.86 -2.79 4.14
C ARG A 72 -31.70 -1.53 3.29
N ASP A 73 -32.05 -0.39 3.88
CA ASP A 73 -31.83 0.92 3.30
C ASP A 73 -30.84 1.65 4.20
N ASP A 74 -29.62 1.81 3.72
CA ASP A 74 -28.52 2.34 4.51
C ASP A 74 -28.57 3.86 4.66
N PRO A 75 -28.87 4.63 3.60
CA PRO A 75 -29.02 6.08 3.80
C PRO A 75 -30.12 6.44 4.78
N LYS A 76 -31.20 5.66 4.84
CA LYS A 76 -32.28 5.91 5.78
C LYS A 76 -32.10 5.16 7.09
N ASN A 77 -31.10 4.29 7.20
CA ASN A 77 -30.81 3.53 8.41
C ASN A 77 -32.02 2.70 8.85
N THR A 78 -32.50 1.84 7.95
CA THR A 78 -33.67 1.04 8.24
C THR A 78 -33.51 -0.36 7.65
N LEU A 79 -34.19 -1.31 8.27
CA LEU A 79 -34.16 -2.72 7.86
C LEU A 79 -35.59 -3.21 7.67
N PHE A 80 -35.85 -3.84 6.53
CA PHE A 80 -37.20 -4.26 6.15
C PHE A 80 -37.28 -5.77 6.08
N LEU A 81 -38.41 -6.31 6.54
CA LEU A 81 -38.76 -7.72 6.36
C LEU A 81 -40.15 -7.78 5.74
N GLN A 82 -40.23 -8.17 4.47
CA GLN A 82 -41.49 -8.28 3.75
C GLN A 82 -41.95 -9.73 3.78
N MET A 83 -43.13 -9.97 4.33
CA MET A 83 -43.66 -11.30 4.52
C MET A 83 -44.94 -11.47 3.71
N THR A 84 -45.02 -12.56 2.95
CA THR A 84 -46.16 -12.86 2.10
C THR A 84 -46.62 -14.28 2.38
N SER A 85 -47.91 -14.54 2.11
CA SER A 85 -48.52 -15.85 2.30
C SER A 85 -48.32 -16.34 3.74
N LEU A 86 -48.70 -15.49 4.69
CA LEU A 86 -48.50 -15.79 6.10
C LEU A 86 -49.43 -16.91 6.54
N ARG A 87 -48.87 -17.90 7.23
CA ARG A 87 -49.65 -18.97 7.84
C ARG A 87 -49.93 -18.64 9.30
N SER A 88 -50.86 -19.39 9.89
CA SER A 88 -51.25 -19.18 11.28
C SER A 88 -50.12 -19.48 12.26
N GLU A 89 -49.06 -20.16 11.83
CA GLU A 89 -47.94 -20.48 12.70
C GLU A 89 -46.90 -19.36 12.76
N ASP A 90 -47.13 -18.25 12.04
CA ASP A 90 -46.18 -17.16 11.98
C ASP A 90 -46.41 -16.11 13.06
N THR A 91 -47.38 -16.30 13.95
CA THR A 91 -47.64 -15.35 15.02
C THR A 91 -46.52 -15.43 16.05
N ALA A 92 -45.81 -14.33 16.25
CA ALA A 92 -44.63 -14.30 17.11
C ALA A 92 -44.23 -12.85 17.34
N MET A 93 -43.22 -12.65 18.19
CA MET A 93 -42.59 -11.36 18.39
C MET A 93 -41.25 -11.36 17.68
N TYR A 94 -41.02 -10.36 16.84
CA TYR A 94 -39.84 -10.28 16.00
C TYR A 94 -38.89 -9.20 16.50
N TYR A 95 -37.60 -9.54 16.53
CA TYR A 95 -36.54 -8.63 16.92
C TYR A 95 -35.53 -8.51 15.79
N CYS A 96 -34.97 -7.30 15.65
CA CYS A 96 -33.84 -7.05 14.76
C CYS A 96 -32.59 -6.96 15.64
N VAL A 97 -31.55 -7.69 15.24
CA VAL A 97 -30.34 -7.85 16.04
C VAL A 97 -29.15 -7.43 15.19
N ARG A 98 -28.26 -6.62 15.76
CA ARG A 98 -27.06 -6.22 15.06
C ARG A 98 -25.91 -7.17 15.41
N SER A 99 -24.98 -7.32 14.47
CA SER A 99 -23.82 -8.17 14.70
C SER A 99 -22.72 -7.79 13.73
N ILE A 100 -21.51 -7.62 14.27
CA ILE A 100 -20.33 -7.25 13.48
C ILE A 100 -19.30 -8.37 13.62
N TYR A 101 -18.61 -8.67 12.52
CA TYR A 101 -17.67 -9.79 12.46
C TYR A 101 -16.30 -9.31 12.01
N TYR A 102 -15.35 -9.32 12.95
CA TYR A 102 -13.93 -9.25 12.68
C TYR A 102 -13.19 -9.98 13.79
N TYR A 103 -11.87 -9.94 13.76
CA TYR A 103 -11.10 -10.64 14.78
C TYR A 103 -11.28 -10.00 16.14
N GLY A 104 -11.96 -10.70 17.04
CA GLY A 104 -12.18 -10.23 18.39
C GLY A 104 -13.50 -9.54 18.64
N SER A 105 -14.37 -9.45 17.63
CA SER A 105 -15.65 -8.78 17.81
C SER A 105 -16.64 -9.68 18.53
N SER A 106 -17.71 -9.07 19.05
CA SER A 106 -18.78 -9.78 19.76
C SER A 106 -20.09 -9.63 18.99
N PRO A 107 -20.48 -10.61 18.20
CA PRO A 107 -21.76 -10.52 17.48
C PRO A 107 -22.94 -10.67 18.43
N PHE A 108 -24.12 -10.32 17.91
CA PHE A 108 -25.39 -10.47 18.63
C PHE A 108 -25.41 -9.68 19.94
N ASP A 109 -24.77 -8.51 19.96
CA ASP A 109 -24.56 -7.80 21.21
C ASP A 109 -25.66 -6.81 21.56
N PHE A 110 -26.63 -6.59 20.68
CA PHE A 110 -27.74 -5.68 20.99
C PHE A 110 -29.01 -6.15 20.32
N TRP A 111 -30.11 -6.16 21.07
CA TRP A 111 -31.40 -6.63 20.60
C TRP A 111 -32.42 -5.51 20.76
N GLY A 112 -33.22 -5.28 19.73
CA GLY A 112 -34.26 -4.27 19.82
C GLY A 112 -35.45 -4.78 20.60
N GLN A 113 -36.33 -3.85 20.98
CA GLN A 113 -37.56 -4.22 21.66
C GLN A 113 -38.61 -4.63 20.64
N GLY A 114 -38.78 -5.94 20.48
CA GLY A 114 -39.42 -6.47 19.30
C GLY A 114 -40.89 -6.09 19.16
N THR A 115 -41.41 -6.37 17.97
CA THR A 115 -42.79 -6.06 17.61
C THR A 115 -43.59 -7.35 17.47
N THR A 116 -44.84 -7.31 17.93
CA THR A 116 -45.68 -8.50 17.98
C THR A 116 -46.56 -8.58 16.74
N LEU A 117 -46.65 -9.78 16.16
CA LEU A 117 -47.52 -10.06 15.02
C LEU A 117 -48.38 -11.27 15.36
N THR A 118 -49.68 -11.16 15.13
CA THR A 118 -50.62 -12.25 15.39
C THR A 118 -51.42 -12.52 14.13
N VAL A 119 -51.48 -13.79 13.72
CA VAL A 119 -52.20 -14.21 12.54
C VAL A 119 -53.43 -15.01 12.99
N SER A 120 -54.59 -14.63 12.48
CA SER A 120 -55.82 -15.31 12.84
C SER A 120 -55.82 -16.74 12.31
N SER A 121 -56.44 -17.64 13.07
CA SER A 121 -56.50 -19.05 12.70
C SER A 121 -57.44 -19.27 11.52
N SER A 136 -28.36 -32.97 9.75
CA SER A 136 -28.08 -31.84 8.87
C SER A 136 -27.98 -30.54 9.65
N ASP A 137 -28.92 -30.33 10.57
CA ASP A 137 -28.97 -29.14 11.41
C ASP A 137 -28.51 -29.50 12.81
N ILE A 138 -27.62 -28.67 13.37
CA ILE A 138 -27.12 -28.94 14.71
C ILE A 138 -28.25 -28.79 15.72
N VAL A 139 -28.36 -29.77 16.60
CA VAL A 139 -29.43 -29.83 17.60
C VAL A 139 -28.84 -29.48 18.95
N MET A 140 -29.34 -28.41 19.55
CA MET A 140 -28.86 -27.94 20.84
C MET A 140 -29.87 -28.34 21.92
N THR A 141 -29.42 -29.14 22.88
CA THR A 141 -30.27 -29.71 23.92
C THR A 141 -29.96 -29.01 25.25
N GLN A 142 -30.99 -28.41 25.84
CA GLN A 142 -30.92 -27.89 27.20
C GLN A 142 -31.91 -28.69 28.03
N ALA A 143 -31.41 -29.78 28.62
CA ALA A 143 -32.25 -30.78 29.27
C ALA A 143 -32.60 -30.37 30.71
N THR A 144 -33.13 -29.15 30.82
CA THR A 144 -33.64 -28.64 32.08
C THR A 144 -34.74 -27.62 31.76
N SER A 145 -35.68 -27.48 32.67
CA SER A 145 -36.76 -26.54 32.45
C SER A 145 -36.90 -25.52 33.58
N SER A 146 -36.74 -25.95 34.83
CA SER A 146 -36.87 -25.04 35.96
C SER A 146 -35.88 -25.46 37.04
N VAL A 147 -35.20 -24.46 37.61
CA VAL A 147 -34.23 -24.70 38.67
C VAL A 147 -34.58 -23.83 39.86
N PRO A 148 -35.34 -24.35 40.84
CA PRO A 148 -35.63 -23.56 42.05
C PRO A 148 -34.33 -23.18 42.76
N VAL A 149 -34.16 -21.89 42.99
CA VAL A 149 -32.89 -21.35 43.47
C VAL A 149 -33.15 -20.36 44.60
N THR A 150 -32.08 -20.08 45.35
CA THR A 150 -32.09 -19.12 46.44
C THR A 150 -30.96 -18.12 46.23
N PRO A 151 -31.17 -16.86 46.62
CA PRO A 151 -30.12 -15.86 46.43
C PRO A 151 -28.86 -16.17 47.23
N GLY A 152 -27.72 -15.74 46.69
CA GLY A 152 -26.45 -15.91 47.37
C GLY A 152 -25.77 -17.24 47.17
N GLU A 153 -26.26 -18.07 46.25
CA GLU A 153 -25.66 -19.37 45.99
C GLU A 153 -25.39 -19.55 44.50
N SER A 154 -24.38 -20.35 44.20
CA SER A 154 -23.96 -20.57 42.82
C SER A 154 -24.94 -21.46 42.07
N VAL A 155 -25.06 -21.21 40.76
CA VAL A 155 -25.90 -22.00 39.88
C VAL A 155 -25.07 -22.43 38.68
N SER A 156 -25.47 -23.53 38.07
CA SER A 156 -24.77 -24.08 36.90
C SER A 156 -25.79 -24.54 35.89
N ILE A 157 -25.84 -23.87 34.73
CA ILE A 157 -26.70 -24.23 33.63
C ILE A 157 -25.87 -25.04 32.63
N SER A 158 -26.46 -26.06 32.03
CA SER A 158 -25.75 -26.95 31.13
C SER A 158 -26.43 -26.98 29.76
N CYS A 159 -25.62 -27.00 28.71
CA CYS A 159 -26.10 -27.11 27.34
C CYS A 159 -25.26 -28.16 26.61
N ARG A 160 -25.88 -28.87 25.68
CA ARG A 160 -25.20 -29.91 24.93
C ARG A 160 -25.51 -29.74 23.44
N SER A 161 -24.58 -30.15 22.59
CA SER A 161 -24.77 -30.07 21.15
C SER A 161 -24.63 -31.45 20.52
N SER A 162 -25.29 -31.62 19.38
CA SER A 162 -25.24 -32.87 18.63
C SER A 162 -24.04 -32.95 17.70
N LYS A 163 -23.21 -31.91 17.67
CA LYS A 163 -22.01 -31.88 16.83
C LYS A 163 -20.87 -31.35 17.69
N SER A 164 -19.75 -31.05 17.05
CA SER A 164 -18.60 -30.45 17.71
C SER A 164 -18.51 -28.99 17.29
N LEU A 165 -18.74 -28.09 18.24
CA LEU A 165 -18.69 -26.66 17.95
C LEU A 165 -17.28 -26.12 17.87
N LEU A 166 -16.28 -26.89 18.31
CA LEU A 166 -14.90 -26.46 18.21
C LEU A 166 -14.41 -26.60 16.78
N HIS A 167 -13.87 -25.51 16.24
CA HIS A 167 -13.39 -25.49 14.87
C HIS A 167 -11.89 -25.80 14.83
N SER A 168 -11.36 -25.92 13.61
CA SER A 168 -9.95 -26.20 13.43
C SER A 168 -9.04 -25.04 13.80
N ASN A 169 -9.61 -23.84 13.97
CA ASN A 169 -8.83 -22.67 14.37
C ASN A 169 -8.87 -22.41 15.88
N GLY A 170 -9.42 -23.35 16.65
CA GLY A 170 -9.42 -23.23 18.09
C GLY A 170 -10.57 -22.43 18.68
N ASN A 171 -11.53 -22.01 17.85
CA ASN A 171 -12.67 -21.23 18.33
C ASN A 171 -13.86 -22.16 18.54
N THR A 172 -14.47 -22.07 19.72
CA THR A 172 -15.70 -22.78 20.02
C THR A 172 -16.85 -21.79 19.94
N TYR A 173 -17.77 -22.00 19.00
CA TYR A 173 -18.80 -21.03 18.68
C TYR A 173 -20.07 -21.37 19.46
N LEU A 174 -20.11 -20.91 20.71
CA LEU A 174 -21.29 -21.04 21.56
C LEU A 174 -21.55 -19.71 22.25
N TYR A 175 -22.82 -19.32 22.29
CA TYR A 175 -23.26 -18.05 22.85
C TYR A 175 -24.30 -18.28 23.93
N TRP A 176 -24.17 -17.54 25.03
CA TRP A 176 -25.11 -17.59 26.14
C TRP A 176 -25.82 -16.26 26.25
N PHE A 177 -27.16 -16.29 26.14
CA PHE A 177 -28.03 -15.13 26.25
C PHE A 177 -28.94 -15.29 27.46
N LEU A 178 -29.36 -14.15 28.02
CA LEU A 178 -30.29 -14.11 29.14
C LEU A 178 -31.47 -13.21 28.79
N GLN A 179 -32.67 -13.70 29.05
CA GLN A 179 -33.91 -12.94 28.83
C GLN A 179 -34.60 -12.76 30.17
N ARG A 180 -34.68 -11.53 30.65
CA ARG A 180 -35.45 -11.22 31.84
C ARG A 180 -36.93 -11.11 31.51
N PRO A 181 -37.82 -11.27 32.49
CA PRO A 181 -39.25 -11.18 32.21
C PRO A 181 -39.62 -9.80 31.67
N GLY A 182 -40.33 -9.80 30.54
CA GLY A 182 -40.75 -8.55 29.93
C GLY A 182 -39.65 -7.74 29.28
N GLN A 183 -38.56 -8.39 28.87
CA GLN A 183 -37.44 -7.68 28.28
C GLN A 183 -36.90 -8.49 27.10
N SER A 184 -36.18 -7.80 26.22
CA SER A 184 -35.49 -8.46 25.12
C SER A 184 -34.25 -9.19 25.63
N PRO A 185 -33.87 -10.29 24.98
CA PRO A 185 -32.67 -11.01 25.41
C PRO A 185 -31.43 -10.16 25.25
N GLN A 186 -30.46 -10.38 26.15
CA GLN A 186 -29.20 -9.68 26.13
C GLN A 186 -28.06 -10.69 26.14
N LEU A 187 -26.95 -10.30 25.52
CA LEU A 187 -25.80 -11.18 25.40
C LEU A 187 -25.03 -11.24 26.71
N LEU A 188 -24.68 -12.45 27.14
CA LEU A 188 -23.84 -12.66 28.30
C LEU A 188 -22.46 -13.18 27.92
N ILE A 189 -22.40 -14.29 27.18
CA ILE A 189 -21.13 -14.93 26.85
C ILE A 189 -21.07 -15.17 25.35
N TYR A 190 -19.94 -14.87 24.73
CA TYR A 190 -19.71 -15.19 23.33
C TYR A 190 -18.46 -16.05 23.18
N ARG A 191 -18.53 -16.97 22.23
CA ARG A 191 -17.47 -17.95 21.95
C ARG A 191 -17.11 -18.76 23.19
N MET A 192 -18.09 -19.03 24.02
CA MET A 192 -18.07 -20.04 25.08
C MET A 192 -17.20 -19.63 26.27
N SER A 193 -16.42 -18.57 26.13
CA SER A 193 -15.60 -18.12 27.24
C SER A 193 -15.52 -16.62 27.41
N ASN A 194 -15.91 -15.81 26.44
CA ASN A 194 -15.66 -14.37 26.51
C ASN A 194 -16.88 -13.65 27.07
N LEU A 195 -16.67 -12.93 28.17
CA LEU A 195 -17.76 -12.20 28.82
C LEU A 195 -18.04 -10.90 28.07
N ALA A 196 -19.32 -10.63 27.82
CA ALA A 196 -19.69 -9.42 27.10
C ALA A 196 -19.47 -8.18 27.97
N SER A 197 -19.32 -7.03 27.30
CA SER A 197 -19.12 -5.78 28.01
C SER A 197 -20.38 -5.39 28.77
N GLY A 198 -20.20 -4.88 29.98
CA GLY A 198 -21.32 -4.52 30.83
C GLY A 198 -21.91 -5.65 31.63
N VAL A 199 -21.28 -6.83 31.60
CA VAL A 199 -21.77 -7.99 32.33
C VAL A 199 -20.94 -8.17 33.59
N PRO A 200 -21.56 -8.44 34.75
CA PRO A 200 -20.77 -8.63 35.97
C PRO A 200 -19.86 -9.85 35.88
N ASP A 201 -18.83 -9.84 36.72
CA ASP A 201 -17.82 -10.90 36.71
C ASP A 201 -18.35 -12.21 37.28
N ARG A 202 -19.55 -12.20 37.86
CA ARG A 202 -20.10 -13.43 38.43
C ARG A 202 -20.30 -14.51 37.37
N PHE A 203 -20.78 -14.13 36.20
CA PHE A 203 -21.03 -15.09 35.14
C PHE A 203 -19.73 -15.59 34.54
N SER A 204 -19.62 -16.91 34.36
CA SER A 204 -18.47 -17.51 33.73
C SER A 204 -18.94 -18.63 32.81
N GLY A 205 -18.20 -18.85 31.72
CA GLY A 205 -18.52 -19.89 30.75
C GLY A 205 -17.36 -20.86 30.61
N SER A 206 -17.68 -22.14 30.42
CA SER A 206 -16.65 -23.15 30.23
C SER A 206 -17.27 -24.33 29.51
N GLY A 207 -16.42 -25.28 29.11
CA GLY A 207 -16.93 -26.50 28.51
C GLY A 207 -15.88 -27.17 27.65
N SER A 208 -16.38 -27.98 26.72
CA SER A 208 -15.55 -28.79 25.83
C SER A 208 -16.18 -28.73 24.45
N GLY A 209 -15.80 -29.66 23.58
CA GLY A 209 -16.33 -29.65 22.22
C GLY A 209 -17.84 -29.86 22.15
N THR A 210 -18.41 -30.55 23.13
CA THR A 210 -19.82 -30.92 23.07
C THR A 210 -20.64 -30.44 24.26
N ALA A 211 -20.10 -30.49 25.47
CA ALA A 211 -20.84 -30.10 26.67
C ALA A 211 -20.34 -28.77 27.19
N PHE A 212 -21.26 -27.86 27.50
CA PHE A 212 -20.93 -26.52 27.95
C PHE A 212 -21.70 -26.20 29.22
N THR A 213 -21.06 -25.37 30.07
CA THR A 213 -21.62 -25.01 31.36
C THR A 213 -21.43 -23.52 31.60
N LEU A 214 -22.51 -22.87 32.04
CA LEU A 214 -22.48 -21.48 32.48
C LEU A 214 -22.68 -21.44 33.99
N THR A 215 -21.75 -20.81 34.70
CA THR A 215 -21.75 -20.77 36.15
C THR A 215 -22.00 -19.36 36.63
N ILE A 216 -22.88 -19.21 37.62
CA ILE A 216 -23.14 -17.94 38.28
C ILE A 216 -22.70 -18.10 39.74
N SER A 217 -21.80 -17.22 40.18
CA SER A 217 -21.16 -17.40 41.48
C SER A 217 -22.12 -17.04 42.62
N ARG A 218 -22.60 -15.80 42.65
CA ARG A 218 -23.47 -15.33 43.71
C ARG A 218 -24.63 -14.57 43.10
N LEU A 219 -25.85 -15.06 43.30
CA LEU A 219 -27.02 -14.40 42.76
C LEU A 219 -27.31 -13.09 43.50
N GLU A 220 -27.89 -12.13 42.77
CA GLU A 220 -28.25 -10.84 43.33
C GLU A 220 -29.73 -10.55 43.17
N ALA A 221 -30.55 -11.61 43.09
CA ALA A 221 -31.99 -11.52 42.98
C ALA A 221 -32.44 -10.71 41.76
N GLU A 222 -31.61 -10.66 40.72
CA GLU A 222 -31.93 -9.91 39.51
C GLU A 222 -31.72 -10.80 38.30
N ASP A 223 -30.89 -11.84 38.45
CA ASP A 223 -30.55 -12.78 37.39
C ASP A 223 -31.68 -13.75 37.06
N VAL A 224 -32.88 -13.61 37.62
CA VAL A 224 -33.97 -14.50 37.26
C VAL A 224 -34.36 -14.27 35.81
N GLY A 225 -34.74 -15.33 35.13
CA GLY A 225 -35.10 -15.25 33.73
C GLY A 225 -34.79 -16.57 33.03
N VAL A 226 -34.76 -16.50 31.70
CA VAL A 226 -34.54 -17.68 30.87
C VAL A 226 -33.19 -17.55 30.18
N TYR A 227 -32.37 -18.58 30.30
CA TYR A 227 -31.03 -18.62 29.70
C TYR A 227 -31.07 -19.50 28.47
N TYR A 228 -30.48 -19.02 27.37
CA TYR A 228 -30.47 -19.70 26.09
C TYR A 228 -29.03 -19.91 25.62
N CYS A 229 -28.78 -21.06 25.01
CA CYS A 229 -27.50 -21.37 24.38
C CYS A 229 -27.72 -21.48 22.88
N MET A 230 -26.85 -20.83 22.10
CA MET A 230 -26.97 -20.76 20.66
C MET A 230 -25.63 -21.10 20.02
N GLN A 231 -25.68 -21.69 18.83
CA GLN A 231 -24.47 -22.06 18.10
C GLN A 231 -24.32 -21.20 16.86
N HIS A 232 -23.07 -20.86 16.52
CA HIS A 232 -22.76 -20.05 15.36
C HIS A 232 -21.73 -20.73 14.44
N LEU A 233 -21.68 -22.06 14.46
CA LEU A 233 -20.73 -22.76 13.59
C LEU A 233 -21.18 -22.74 12.14
N GLU A 234 -22.46 -22.99 11.89
CA GLU A 234 -23.02 -22.97 10.55
C GLU A 234 -24.30 -22.15 10.56
N TYR A 235 -24.58 -21.51 9.43
CA TYR A 235 -25.53 -20.40 9.45
C TYR A 235 -26.98 -20.75 9.74
N PRO A 236 -27.47 -21.97 9.53
CA PRO A 236 -28.77 -22.29 10.13
C PRO A 236 -28.62 -22.35 11.65
N LEU A 237 -29.07 -21.30 12.31
CA LEU A 237 -28.76 -21.04 13.71
C LEU A 237 -29.81 -21.70 14.60
N THR A 238 -29.34 -22.37 15.65
CA THR A 238 -30.20 -23.14 16.52
C THR A 238 -30.08 -22.63 17.94
N PHE A 239 -31.21 -22.50 18.62
CA PHE A 239 -31.27 -22.10 20.02
C PHE A 239 -31.73 -23.28 20.87
N GLY A 240 -31.30 -23.30 22.12
CA GLY A 240 -31.78 -24.30 23.05
C GLY A 240 -33.19 -24.02 23.51
N ALA A 241 -33.77 -25.01 24.19
CA ALA A 241 -35.12 -24.86 24.70
C ALA A 241 -35.19 -23.77 25.77
N GLY A 242 -34.09 -23.55 26.48
CA GLY A 242 -34.01 -22.52 27.49
C GLY A 242 -34.19 -23.08 28.89
N THR A 243 -33.49 -22.47 29.85
CA THR A 243 -33.55 -22.87 31.24
C THR A 243 -34.03 -21.69 32.08
N LYS A 244 -35.06 -21.92 32.88
CA LYS A 244 -35.70 -20.87 33.67
C LYS A 244 -35.17 -20.89 35.09
N LEU A 245 -34.86 -19.71 35.63
CA LEU A 245 -34.35 -19.55 36.99
C LEU A 245 -35.39 -18.79 37.81
N GLU A 246 -36.08 -19.47 38.70
CA GLU A 246 -37.06 -18.85 39.57
C GLU A 246 -36.67 -19.08 41.04
N LEU A 247 -37.07 -18.14 41.89
CA LEU A 247 -36.74 -18.20 43.30
C LEU A 247 -37.95 -18.56 44.16
N SER B 1 36.72 35.81 33.03
CA SER B 1 35.31 35.86 33.40
C SER B 1 34.86 34.55 34.04
N GLU B 2 33.63 34.54 34.56
CA GLU B 2 33.11 33.33 35.19
C GLU B 2 32.85 32.23 34.17
N LEU B 3 32.49 32.60 32.94
CA LEU B 3 32.24 31.59 31.92
C LEU B 3 33.49 30.80 31.58
N ASP B 4 34.65 31.45 31.58
CA ASP B 4 35.91 30.73 31.35
C ASP B 4 36.16 29.70 32.44
N GLN B 5 35.95 30.09 33.70
CA GLN B 5 36.11 29.14 34.81
C GLN B 5 35.13 27.99 34.68
N LEU B 6 33.88 28.29 34.32
CA LEU B 6 32.87 27.25 34.20
C LEU B 6 33.20 26.27 33.07
N ARG B 7 33.66 26.77 31.92
CA ARG B 7 34.01 25.86 30.83
C ARG B 7 35.25 25.06 31.15
N GLN B 8 36.22 25.65 31.88
CA GLN B 8 37.37 24.87 32.32
C GLN B 8 36.95 23.76 33.28
N GLU B 9 36.02 24.06 34.18
CA GLU B 9 35.51 23.03 35.09
C GLU B 9 34.78 21.94 34.32
N ALA B 10 34.01 22.32 33.29
CA ALA B 10 33.32 21.34 32.47
C ALA B 10 34.31 20.44 31.74
N GLU B 11 35.40 21.02 31.22
CA GLU B 11 36.42 20.22 30.56
C GLU B 11 37.09 19.27 31.54
N GLN B 12 37.34 19.74 32.77
CA GLN B 12 37.90 18.87 33.80
C GLN B 12 36.96 17.72 34.13
N LEU B 13 35.66 18.01 34.22
CA LEU B 13 34.68 16.96 34.49
C LEU B 13 34.64 15.95 33.35
N LYS B 14 34.72 16.42 32.11
CA LYS B 14 34.76 15.51 30.96
C LYS B 14 36.00 14.63 31.00
N ASN B 15 37.15 15.22 31.35
CA ASN B 15 38.37 14.43 31.45
C ASN B 15 38.25 13.38 32.56
N GLN B 16 37.66 13.76 33.69
CA GLN B 16 37.47 12.80 34.78
C GLN B 16 36.55 11.66 34.35
N ILE B 17 35.47 11.98 33.64
CA ILE B 17 34.56 10.95 33.16
C ILE B 17 35.28 10.01 32.19
N ARG B 18 36.08 10.57 31.29
CA ARG B 18 36.82 9.75 30.34
C ARG B 18 37.80 8.83 31.04
N ASP B 19 38.51 9.36 32.05
CA ASP B 19 39.44 8.53 32.81
C ASP B 19 38.71 7.41 33.55
N ALA B 20 37.57 7.73 34.17
CA ALA B 20 36.82 6.72 34.90
C ALA B 20 36.33 5.62 33.97
N ARG B 21 35.85 5.99 32.77
CA ARG B 21 35.41 4.99 31.81
C ARG B 21 36.58 4.17 31.29
N LYS B 22 37.74 4.80 31.08
CA LYS B 22 38.89 4.07 30.55
C LYS B 22 39.43 3.07 31.56
N ALA B 23 39.44 3.44 32.85
CA ALA B 23 39.98 2.55 33.87
C ALA B 23 39.17 1.27 34.04
N CYS B 24 37.92 1.26 33.58
CA CYS B 24 37.05 0.10 33.74
C CYS B 24 37.20 -0.93 32.61
N ALA B 25 37.90 -0.59 31.53
CA ALA B 25 37.98 -1.47 30.36
C ALA B 25 39.24 -2.33 30.48
N ASP B 26 39.06 -3.54 31.02
CA ASP B 26 40.15 -4.51 31.11
C ASP B 26 40.07 -5.57 30.02
N ALA B 27 38.87 -5.98 29.63
CA ALA B 27 38.67 -6.96 28.58
C ALA B 27 37.52 -6.51 27.69
N THR B 28 37.53 -6.99 26.45
CA THR B 28 36.51 -6.65 25.48
C THR B 28 35.48 -7.76 25.36
N LEU B 29 34.34 -7.43 24.75
CA LEU B 29 33.29 -8.42 24.56
C LEU B 29 33.72 -9.51 23.59
N SER B 30 34.46 -9.15 22.54
CA SER B 30 34.90 -10.14 21.57
C SER B 30 35.85 -11.16 22.19
N GLN B 31 36.77 -10.69 23.04
CA GLN B 31 37.71 -11.60 23.69
C GLN B 31 36.98 -12.58 24.60
N ILE B 32 36.00 -12.09 25.36
CA ILE B 32 35.26 -12.95 26.27
C ILE B 32 34.48 -14.01 25.51
N THR B 33 33.82 -13.61 24.41
CA THR B 33 33.01 -14.50 23.60
C THR B 33 33.77 -15.02 22.37
N ASN B 34 35.08 -15.20 22.50
CA ASN B 34 35.89 -15.66 21.37
C ASN B 34 35.71 -17.15 21.11
N ASN B 35 35.53 -17.95 22.15
CA ASN B 35 35.49 -19.41 22.04
C ASN B 35 34.08 -19.98 22.05
N ILE B 36 33.05 -19.14 21.94
CA ILE B 36 31.68 -19.63 21.89
C ILE B 36 31.33 -20.02 20.46
N ASP B 37 30.42 -20.98 20.33
CA ASP B 37 30.05 -21.49 19.02
C ASP B 37 29.29 -20.43 18.23
N PRO B 38 29.53 -20.32 16.94
CA PRO B 38 28.73 -19.39 16.11
C PRO B 38 27.33 -19.91 15.89
N VAL B 39 26.46 -19.02 15.41
CA VAL B 39 25.08 -19.39 15.12
C VAL B 39 24.90 -20.02 13.75
N GLY B 40 25.94 -20.01 12.91
CA GLY B 40 25.84 -20.58 11.59
C GLY B 40 25.24 -19.61 10.58
N ARG B 41 24.36 -20.12 9.72
CA ARG B 41 23.68 -19.30 8.72
C ARG B 41 22.20 -19.28 9.04
N ILE B 42 21.63 -18.08 9.13
CA ILE B 42 20.22 -17.90 9.44
C ILE B 42 19.46 -17.76 8.13
N GLN B 43 18.64 -18.77 7.81
CA GLN B 43 17.85 -18.78 6.60
C GLN B 43 16.39 -18.56 6.96
N MET B 44 15.80 -17.50 6.43
CA MET B 44 14.41 -17.16 6.67
C MET B 44 13.74 -16.76 5.36
N ARG B 45 12.50 -17.16 5.17
CA ARG B 45 11.78 -16.89 3.95
C ARG B 45 10.44 -16.22 4.26
N THR B 46 9.94 -15.48 3.27
CA THR B 46 8.69 -14.75 3.44
C THR B 46 7.51 -15.71 3.52
N ARG B 47 6.63 -15.48 4.49
CA ARG B 47 5.40 -16.24 4.65
C ARG B 47 4.16 -15.47 4.25
N ARG B 48 4.10 -14.18 4.59
CA ARG B 48 2.94 -13.35 4.31
C ARG B 48 3.38 -12.07 3.62
N THR B 49 2.50 -11.53 2.78
CA THR B 49 2.71 -10.24 2.15
C THR B 49 1.42 -9.45 2.26
N LEU B 50 1.48 -8.29 2.90
CA LEU B 50 0.30 -7.47 3.15
C LEU B 50 0.26 -6.33 2.15
N ARG B 51 -0.79 -6.29 1.34
CA ARG B 51 -0.96 -5.28 0.29
C ARG B 51 -2.21 -4.45 0.57
N GLY B 52 -2.18 -3.21 0.11
CA GLY B 52 -3.29 -2.30 0.34
C GLY B 52 -2.86 -0.86 0.53
N HIS B 53 -1.61 -0.65 0.90
CA HIS B 53 -1.07 0.70 0.98
C HIS B 53 -0.62 1.17 -0.39
N LEU B 54 -0.91 2.42 -0.71
CA LEU B 54 -0.61 2.99 -2.02
C LEU B 54 0.46 4.08 -1.95
N ALA B 55 1.27 4.08 -0.91
CA ALA B 55 2.36 5.04 -0.76
C ALA B 55 3.41 4.42 0.17
N LYS B 56 4.45 5.19 0.44
CA LYS B 56 5.51 4.70 1.33
C LYS B 56 4.97 4.43 2.72
N ILE B 57 5.31 3.27 3.26
CA ILE B 57 4.96 2.91 4.62
C ILE B 57 6.05 3.44 5.54
N TYR B 58 5.66 4.20 6.56
CA TYR B 58 6.66 4.89 7.36
C TYR B 58 6.87 4.29 8.75
N ALA B 59 5.89 3.59 9.30
CA ALA B 59 6.06 2.98 10.61
C ALA B 59 5.11 1.79 10.75
N MET B 60 5.45 0.92 11.69
CA MET B 60 4.61 -0.23 12.01
C MET B 60 4.87 -0.62 13.45
N HIS B 61 3.92 -1.33 14.05
CA HIS B 61 4.06 -1.80 15.41
C HIS B 61 3.28 -3.09 15.60
N TRP B 62 3.79 -3.95 16.48
CA TRP B 62 3.18 -5.22 16.80
C TRP B 62 2.30 -5.11 18.04
N GLY B 63 1.23 -5.89 18.05
CA GLY B 63 0.42 -6.00 19.25
C GLY B 63 1.04 -6.94 20.27
N THR B 64 0.49 -6.91 21.48
CA THR B 64 0.99 -7.77 22.54
C THR B 64 0.67 -9.24 22.26
N ASP B 65 -0.48 -9.52 21.66
CA ASP B 65 -0.88 -10.88 21.36
C ASP B 65 -0.10 -11.49 20.20
N SER B 66 0.74 -10.69 19.52
CA SER B 66 1.59 -11.18 18.43
C SER B 66 0.78 -11.69 17.25
N ARG B 67 -0.41 -11.15 17.06
CA ARG B 67 -1.22 -11.50 15.89
C ARG B 67 -1.71 -10.29 15.12
N LEU B 68 -2.05 -9.20 15.80
CA LEU B 68 -2.47 -7.97 15.14
C LEU B 68 -1.31 -7.00 15.09
N LEU B 69 -1.24 -6.23 14.01
CA LEU B 69 -0.25 -5.17 13.89
C LEU B 69 -0.89 -3.96 13.25
N VAL B 70 -0.23 -2.81 13.40
CA VAL B 70 -0.70 -1.56 12.82
C VAL B 70 0.39 -1.01 11.91
N SER B 71 -0.02 -0.28 10.88
CA SER B 71 0.95 0.32 9.97
C SER B 71 0.39 1.62 9.41
N ALA B 72 1.26 2.62 9.26
CA ALA B 72 0.88 3.93 8.76
C ALA B 72 1.59 4.21 7.45
N SER B 73 0.86 4.79 6.50
CA SER B 73 1.43 5.18 5.22
C SER B 73 1.13 6.64 4.95
N GLN B 74 1.96 7.26 4.11
CA GLN B 74 1.77 8.66 3.76
C GLN B 74 0.77 8.82 2.62
N ASP B 75 -0.37 8.16 2.78
CA ASP B 75 -1.56 8.39 1.97
C ASP B 75 -2.77 8.61 2.87
N GLY B 76 -2.53 9.04 4.10
CA GLY B 76 -3.60 9.22 5.08
C GLY B 76 -4.27 7.94 5.50
N LYS B 77 -3.50 6.88 5.73
CA LYS B 77 -4.07 5.59 6.08
C LYS B 77 -3.32 4.95 7.23
N LEU B 78 -4.08 4.51 8.23
CA LEU B 78 -3.61 3.68 9.33
C LEU B 78 -4.36 2.36 9.26
N ILE B 79 -3.69 1.29 8.87
CA ILE B 79 -4.33 0.00 8.63
C ILE B 79 -3.91 -0.96 9.73
N ILE B 80 -4.89 -1.69 10.28
CA ILE B 80 -4.66 -2.72 11.28
C ILE B 80 -4.83 -4.07 10.59
N TRP B 81 -3.79 -4.90 10.66
CA TRP B 81 -3.74 -6.17 9.98
C TRP B 81 -3.80 -7.32 10.97
N ASP B 82 -4.52 -8.37 10.59
CA ASP B 82 -4.45 -9.67 11.23
C ASP B 82 -3.49 -10.53 10.41
N SER B 83 -2.28 -10.76 10.93
CA SER B 83 -1.23 -11.34 10.10
C SER B 83 -1.49 -12.79 9.77
N TYR B 84 -2.21 -13.51 10.63
CA TYR B 84 -2.43 -14.93 10.38
C TYR B 84 -3.24 -15.16 9.11
N THR B 85 -4.28 -14.36 8.89
CA THR B 85 -5.17 -14.53 7.75
C THR B 85 -5.09 -13.40 6.73
N THR B 86 -4.21 -12.42 6.96
CA THR B 86 -3.93 -11.32 6.03
C THR B 86 -5.10 -10.33 5.99
N ASN B 87 -6.20 -10.67 6.67
CA ASN B 87 -7.40 -9.85 6.64
C ASN B 87 -7.16 -8.49 7.28
N LYS B 88 -7.88 -7.49 6.78
CA LYS B 88 -7.84 -6.14 7.34
C LYS B 88 -8.93 -5.98 8.38
N VAL B 89 -8.55 -5.55 9.58
CA VAL B 89 -9.52 -5.36 10.65
C VAL B 89 -10.07 -3.94 10.65
N HIS B 90 -9.20 -2.94 10.59
CA HIS B 90 -9.62 -1.55 10.58
C HIS B 90 -8.77 -0.75 9.60
N ALA B 91 -9.38 0.29 9.03
CA ALA B 91 -8.69 1.27 8.21
C ALA B 91 -9.12 2.66 8.66
N ILE B 92 -8.19 3.43 9.19
CA ILE B 92 -8.46 4.72 9.80
C ILE B 92 -7.91 5.80 8.87
N PRO B 93 -8.74 6.76 8.43
CA PRO B 93 -8.20 7.89 7.66
C PRO B 93 -7.76 9.03 8.56
N LEU B 94 -6.54 9.51 8.37
CA LEU B 94 -5.96 10.54 9.21
C LEU B 94 -6.31 11.93 8.68
N ARG B 95 -6.47 12.88 9.61
CA ARG B 95 -6.72 14.26 9.21
C ARG B 95 -5.54 14.84 8.47
N SER B 96 -4.32 14.52 8.90
CA SER B 96 -3.10 14.93 8.23
C SER B 96 -2.42 13.70 7.65
N SER B 97 -2.06 13.77 6.38
CA SER B 97 -1.49 12.63 5.66
C SER B 97 0.02 12.51 5.82
N TRP B 98 0.66 13.43 6.52
CA TRP B 98 2.11 13.40 6.70
C TRP B 98 2.47 12.69 8.01
N VAL B 99 2.00 11.45 8.12
CA VAL B 99 2.24 10.64 9.31
C VAL B 99 3.65 10.07 9.26
N MET B 100 4.30 9.99 10.42
CA MET B 100 5.66 9.48 10.49
C MET B 100 5.91 8.53 11.64
N THR B 101 4.93 8.25 12.49
CA THR B 101 5.16 7.32 13.60
C THR B 101 3.87 6.56 13.92
N CYS B 102 4.05 5.43 14.60
CA CYS B 102 2.95 4.55 15.00
C CYS B 102 3.16 4.06 16.41
N ALA B 103 2.05 3.76 17.09
CA ALA B 103 2.12 3.11 18.39
C ALA B 103 0.83 2.33 18.63
N TYR B 104 0.97 1.16 19.24
CA TYR B 104 -0.14 0.29 19.62
C TYR B 104 -0.16 0.18 21.14
N ALA B 105 -1.32 0.39 21.76
CA ALA B 105 -1.38 0.30 23.21
C ALA B 105 -1.16 -1.14 23.65
N PRO B 106 -0.46 -1.36 24.76
CA PRO B 106 -0.25 -2.75 25.23
C PRO B 106 -1.55 -3.48 25.53
N SER B 107 -2.58 -2.77 25.97
CA SER B 107 -3.88 -3.40 26.21
C SER B 107 -4.62 -3.69 24.91
N GLY B 108 -4.28 -3.01 23.83
CA GLY B 108 -4.93 -3.22 22.56
C GLY B 108 -6.17 -2.38 22.32
N ASN B 109 -6.44 -1.39 23.18
CA ASN B 109 -7.63 -0.57 23.05
C ASN B 109 -7.39 0.72 22.28
N TYR B 110 -6.15 1.17 22.13
CA TYR B 110 -5.85 2.46 21.53
C TYR B 110 -4.70 2.34 20.55
N VAL B 111 -4.69 3.25 19.57
CA VAL B 111 -3.55 3.43 18.69
C VAL B 111 -3.18 4.90 18.68
N ALA B 112 -1.93 5.17 18.34
CA ALA B 112 -1.42 6.54 18.33
C ALA B 112 -0.62 6.77 17.06
N CYS B 113 -0.71 7.99 16.52
CA CYS B 113 0.00 8.34 15.31
C CYS B 113 0.41 9.81 15.40
N GLY B 114 1.30 10.21 14.49
CA GLY B 114 1.75 11.59 14.46
C GLY B 114 2.86 11.74 13.43
N GLY B 115 3.15 13.00 13.11
CA GLY B 115 4.13 13.32 12.09
C GLY B 115 4.41 14.80 11.94
N LEU B 116 4.43 15.28 10.69
CA LEU B 116 4.78 16.66 10.33
C LEU B 116 3.77 17.70 10.83
N ASP B 117 2.68 17.33 11.49
CA ASP B 117 1.70 18.30 11.98
C ASP B 117 1.95 18.71 13.43
N ASN B 118 3.02 18.22 14.06
CA ASN B 118 3.38 18.58 15.43
C ASN B 118 2.26 18.23 16.41
N ILE B 119 1.57 17.13 16.17
CA ILE B 119 0.43 16.73 16.98
C ILE B 119 0.41 15.21 17.06
N CYS B 120 0.13 14.69 18.26
CA CYS B 120 -0.02 13.25 18.47
C CYS B 120 -1.49 12.92 18.62
N SER B 121 -2.02 12.10 17.71
CA SER B 121 -3.43 11.74 17.72
C SER B 121 -3.60 10.34 18.29
N ILE B 122 -4.57 10.19 19.19
CA ILE B 122 -4.85 8.93 19.86
C ILE B 122 -6.26 8.51 19.50
N TYR B 123 -6.37 7.34 18.88
CA TYR B 123 -7.62 6.78 18.38
C TYR B 123 -8.08 5.63 19.27
N ASN B 124 -9.37 5.62 19.59
CA ASN B 124 -9.99 4.59 20.40
C ASN B 124 -10.59 3.51 19.50
N LEU B 125 -10.21 2.26 19.76
CA LEU B 125 -10.61 1.15 18.89
C LEU B 125 -11.90 0.48 19.33
N LYS B 126 -12.19 0.45 20.63
CA LYS B 126 -13.36 -0.26 21.17
C LYS B 126 -14.43 0.78 21.52
N THR B 127 -15.44 0.88 20.66
CA THR B 127 -16.53 1.83 20.83
C THR B 127 -17.87 1.11 20.69
N ARG B 128 -18.91 1.74 21.22
CA ARG B 128 -20.25 1.19 21.10
C ARG B 128 -20.89 1.49 19.74
N GLU B 129 -20.34 2.43 18.98
CA GLU B 129 -20.89 2.78 17.68
C GLU B 129 -20.28 1.97 16.54
N GLY B 130 -19.24 1.18 16.81
CA GLY B 130 -18.66 0.34 15.78
C GLY B 130 -17.70 1.02 14.84
N ASN B 131 -17.26 2.25 15.14
CA ASN B 131 -16.31 2.95 14.31
C ASN B 131 -15.19 3.52 15.17
N VAL B 132 -14.00 3.60 14.57
CA VAL B 132 -12.83 4.14 15.24
C VAL B 132 -12.88 5.66 15.13
N ARG B 133 -12.84 6.34 16.26
CA ARG B 133 -12.94 7.79 16.31
C ARG B 133 -11.78 8.37 17.10
N VAL B 134 -11.49 9.64 16.83
CA VAL B 134 -10.40 10.33 17.51
C VAL B 134 -10.77 10.54 18.97
N SER B 135 -9.97 10.00 19.88
CA SER B 135 -10.20 10.15 21.30
C SER B 135 -9.39 11.26 21.94
N ARG B 136 -8.18 11.53 21.43
CA ARG B 136 -7.37 12.59 22.02
C ARG B 136 -6.44 13.18 20.97
N GLU B 137 -6.06 14.44 21.18
CA GLU B 137 -5.18 15.18 20.26
C GLU B 137 -4.22 16.00 21.10
N LEU B 138 -3.04 15.44 21.37
CA LEU B 138 -2.04 16.11 22.17
C LEU B 138 -1.20 17.06 21.32
N ALA B 139 -1.08 18.30 21.77
CA ALA B 139 -0.31 19.32 21.09
C ALA B 139 0.57 20.06 22.10
N GLY B 140 1.65 20.66 21.59
CA GLY B 140 2.58 21.36 22.45
C GLY B 140 4.02 21.26 21.98
N HIS B 141 4.32 20.27 21.14
CA HIS B 141 5.62 20.21 20.51
C HIS B 141 5.74 21.26 19.41
N THR B 142 6.95 21.76 19.22
CA THR B 142 7.23 22.76 18.19
C THR B 142 8.03 22.17 17.03
N GLY B 143 7.95 20.86 16.84
CA GLY B 143 8.63 20.20 15.75
C GLY B 143 7.91 18.92 15.39
N TYR B 144 8.30 18.36 14.25
CA TYR B 144 7.64 17.15 13.76
C TYR B 144 7.82 16.00 14.74
N LEU B 145 6.76 15.20 14.89
CA LEU B 145 6.78 14.05 15.79
C LEU B 145 7.45 12.88 15.10
N SER B 146 8.43 12.27 15.77
CA SER B 146 9.19 11.18 15.18
C SER B 146 8.99 9.83 15.86
N CYS B 147 8.53 9.80 17.11
CA CYS B 147 8.33 8.54 17.80
C CYS B 147 7.37 8.75 18.97
N CYS B 148 6.55 7.75 19.23
CA CYS B 148 5.62 7.75 20.35
C CYS B 148 5.45 6.34 20.85
N ARG B 149 5.33 6.20 22.18
CA ARG B 149 5.21 4.90 22.83
C ARG B 149 4.28 5.00 24.02
N PHE B 150 3.33 4.07 24.10
CA PHE B 150 2.42 3.99 25.24
C PHE B 150 3.14 3.41 26.45
N LEU B 151 2.77 3.89 27.64
CA LEU B 151 3.14 3.27 28.90
C LEU B 151 1.98 2.48 29.49
N ASP B 152 0.78 3.03 29.43
CA ASP B 152 -0.45 2.36 29.76
C ASP B 152 -1.58 3.09 29.03
N ASP B 153 -2.83 2.84 29.42
CA ASP B 153 -3.95 3.46 28.74
C ASP B 153 -4.03 4.97 28.95
N ASN B 154 -3.26 5.53 29.88
CA ASN B 154 -3.38 6.94 30.22
C ASN B 154 -2.03 7.65 30.30
N GLN B 155 -0.99 7.11 29.67
CA GLN B 155 0.33 7.74 29.69
C GLN B 155 1.05 7.43 28.38
N ILE B 156 1.61 8.47 27.76
CA ILE B 156 2.37 8.27 26.52
C ILE B 156 3.67 9.06 26.61
N VAL B 157 4.66 8.62 25.82
CA VAL B 157 5.94 9.30 25.73
C VAL B 157 6.23 9.56 24.26
N THR B 158 6.50 10.81 23.93
CA THR B 158 6.76 11.20 22.54
C THR B 158 8.10 11.92 22.44
N SER B 159 8.70 11.82 21.26
CA SER B 159 9.90 12.57 20.92
C SER B 159 9.67 13.26 19.58
N SER B 160 10.23 14.46 19.45
CA SER B 160 9.96 15.26 18.27
C SER B 160 11.21 16.08 17.94
N GLY B 161 11.11 16.87 16.87
CA GLY B 161 12.23 17.54 16.26
C GLY B 161 12.69 18.82 16.91
N ASP B 162 12.07 19.26 18.01
CA ASP B 162 12.54 20.42 18.74
C ASP B 162 13.51 20.06 19.85
N THR B 163 14.24 18.95 19.70
CA THR B 163 15.31 18.53 20.62
C THR B 163 14.77 18.26 22.03
N THR B 164 13.50 17.91 22.16
CA THR B 164 12.91 17.64 23.46
C THR B 164 12.05 16.38 23.38
N CYS B 165 11.87 15.73 24.54
CA CYS B 165 10.94 14.63 24.69
C CYS B 165 9.88 15.02 25.71
N ALA B 166 8.73 14.35 25.65
CA ALA B 166 7.63 14.69 26.54
C ALA B 166 6.91 13.45 27.02
N LEU B 167 6.43 13.51 28.25
CA LEU B 167 5.56 12.51 28.85
C LEU B 167 4.20 13.15 29.07
N TRP B 168 3.18 12.61 28.42
CA TRP B 168 1.83 13.16 28.39
C TRP B 168 0.86 12.29 29.18
N ASP B 169 0.04 12.96 29.98
CA ASP B 169 -1.17 12.38 30.56
C ASP B 169 -2.29 12.52 29.55
N ILE B 170 -2.80 11.39 29.05
CA ILE B 170 -3.75 11.42 27.95
C ILE B 170 -5.09 11.99 28.39
N GLU B 171 -5.53 11.68 29.61
CA GLU B 171 -6.87 12.06 30.04
C GLU B 171 -7.07 13.57 30.04
N THR B 172 -6.09 14.31 30.56
CA THR B 172 -6.17 15.77 30.57
C THR B 172 -5.47 16.42 29.38
N GLY B 173 -4.73 15.65 28.59
CA GLY B 173 -4.06 16.20 27.43
C GLY B 173 -3.03 17.27 27.76
N GLN B 174 -2.25 17.06 28.81
CA GLN B 174 -1.26 18.01 29.26
C GLN B 174 0.12 17.36 29.35
N GLN B 175 1.16 18.14 29.11
CA GLN B 175 2.53 17.66 29.19
C GLN B 175 2.91 17.49 30.66
N THR B 176 2.80 16.26 31.15
CA THR B 176 3.15 15.99 32.53
C THR B 176 4.63 16.24 32.79
N THR B 177 5.50 15.79 31.88
CA THR B 177 6.94 15.98 32.07
C THR B 177 7.60 16.32 30.74
N THR B 178 8.69 17.08 30.81
CA THR B 178 9.48 17.43 29.64
C THR B 178 10.94 17.09 29.90
N PHE B 179 11.55 16.37 28.96
CA PHE B 179 12.95 15.97 29.03
C PHE B 179 13.72 16.79 28.01
N THR B 180 14.73 17.53 28.49
CA THR B 180 15.53 18.42 27.65
C THR B 180 17.01 18.11 27.85
N GLY B 181 17.80 18.45 26.85
CA GLY B 181 19.24 18.24 26.92
C GLY B 181 19.89 17.89 25.60
N HIS B 182 19.11 17.39 24.65
CA HIS B 182 19.63 17.10 23.32
C HIS B 182 19.87 18.40 22.56
N THR B 183 20.92 18.41 21.74
CA THR B 183 21.26 19.56 20.92
C THR B 183 20.88 19.35 19.45
N GLY B 184 20.12 18.31 19.15
CA GLY B 184 19.68 18.05 17.78
C GLY B 184 18.34 17.35 17.79
N ASP B 185 17.78 17.20 16.60
CA ASP B 185 16.47 16.58 16.47
C ASP B 185 16.48 15.17 17.05
N VAL B 186 15.54 14.90 17.95
CA VAL B 186 15.44 13.58 18.55
C VAL B 186 14.72 12.66 17.57
N MET B 187 15.38 11.56 17.19
CA MET B 187 14.88 10.72 16.12
C MET B 187 14.25 9.41 16.62
N SER B 188 14.64 8.90 17.78
CA SER B 188 14.06 7.63 18.22
C SER B 188 14.08 7.56 19.74
N LEU B 189 13.21 6.71 20.28
CA LEU B 189 13.18 6.42 21.71
C LEU B 189 12.80 4.95 21.91
N SER B 190 13.16 4.42 23.07
CA SER B 190 12.87 3.04 23.41
C SER B 190 12.69 2.92 24.92
N LEU B 191 11.58 2.30 25.33
CA LEU B 191 11.26 2.12 26.74
C LEU B 191 11.91 0.85 27.28
N ALA B 192 12.21 0.87 28.58
CA ALA B 192 12.72 -0.32 29.23
C ALA B 192 11.62 -1.36 29.38
N PRO B 193 11.98 -2.65 29.49
CA PRO B 193 10.95 -3.67 29.68
C PRO B 193 10.11 -3.48 30.93
N ASP B 194 10.69 -2.97 32.01
CA ASP B 194 9.93 -2.69 33.23
C ASP B 194 9.23 -1.34 33.21
N THR B 195 9.48 -0.53 32.19
CA THR B 195 8.86 0.78 31.99
C THR B 195 9.13 1.66 33.23
N ARG B 196 10.41 1.93 33.41
CA ARG B 196 10.87 2.93 34.37
C ARG B 196 11.91 3.88 33.80
N LEU B 197 12.63 3.50 32.75
CA LEU B 197 13.58 4.35 32.07
C LEU B 197 13.35 4.25 30.57
N PHE B 198 13.91 5.20 29.83
CA PHE B 198 13.90 5.07 28.38
C PHE B 198 15.12 5.74 27.79
N VAL B 199 15.59 5.19 26.67
CA VAL B 199 16.74 5.72 25.95
C VAL B 199 16.24 6.49 24.75
N SER B 200 16.94 7.56 24.40
CA SER B 200 16.58 8.39 23.27
C SER B 200 17.81 8.67 22.42
N GLY B 201 17.64 8.58 21.11
CA GLY B 201 18.71 8.86 20.17
C GLY B 201 18.36 9.99 19.23
N ALA B 202 19.26 10.95 19.09
CA ALA B 202 19.03 12.19 18.37
C ALA B 202 20.08 12.39 17.28
N CYS B 203 20.04 13.55 16.65
CA CYS B 203 20.90 13.89 15.52
C CYS B 203 22.25 14.45 15.94
N ASP B 204 22.48 14.68 17.23
CA ASP B 204 23.77 15.14 17.72
C ASP B 204 24.75 14.00 17.96
N ALA B 205 24.50 12.83 17.36
CA ALA B 205 25.38 11.67 17.46
C ALA B 205 25.61 11.24 18.90
N SER B 206 24.55 11.31 19.71
CA SER B 206 24.63 10.87 21.10
C SER B 206 23.28 10.31 21.52
N ALA B 207 23.32 9.41 22.50
CA ALA B 207 22.13 8.81 23.08
C ALA B 207 22.07 9.16 24.57
N LYS B 208 20.85 9.25 25.10
CA LYS B 208 20.67 9.65 26.49
C LYS B 208 19.69 8.71 27.19
N LEU B 209 19.96 8.46 28.46
CA LEU B 209 19.11 7.62 29.29
C LEU B 209 18.32 8.52 30.24
N TRP B 210 17.00 8.39 30.23
CA TRP B 210 16.11 9.23 31.03
C TRP B 210 15.33 8.40 32.02
N ASP B 211 15.22 8.92 33.24
CA ASP B 211 14.32 8.37 34.25
C ASP B 211 12.95 9.00 34.07
N VAL B 212 11.91 8.16 33.95
CA VAL B 212 10.60 8.64 33.56
C VAL B 212 10.00 9.53 34.64
N ARG B 213 10.04 9.08 35.90
CA ARG B 213 9.35 9.82 36.96
C ARG B 213 10.11 11.07 37.38
N GLU B 214 11.44 11.00 37.40
CA GLU B 214 12.22 12.14 37.86
C GLU B 214 12.45 13.18 36.77
N GLY B 215 12.45 12.75 35.50
CA GLY B 215 12.68 13.67 34.40
C GLY B 215 14.09 14.24 34.38
N MET B 216 15.08 13.39 34.63
CA MET B 216 16.48 13.81 34.65
C MET B 216 17.31 12.83 33.84
N CYS B 217 18.38 13.36 33.24
CA CYS B 217 19.25 12.54 32.40
C CYS B 217 20.30 11.84 33.26
N ARG B 218 20.30 10.51 33.22
CA ARG B 218 21.21 9.72 34.04
C ARG B 218 22.56 9.52 33.37
N GLN B 219 22.57 9.15 32.09
CA GLN B 219 23.81 8.86 31.39
C GLN B 219 23.71 9.31 29.94
N THR B 220 24.86 9.66 29.38
CA THR B 220 24.99 10.05 27.98
C THR B 220 26.04 9.18 27.32
N PHE B 221 25.71 8.63 26.16
CA PHE B 221 26.58 7.71 25.43
C PHE B 221 26.92 8.32 24.08
N THR B 222 28.21 8.30 23.75
CA THR B 222 28.70 8.85 22.49
C THR B 222 29.53 7.80 21.75
N GLY B 223 29.94 8.14 20.54
CA GLY B 223 30.75 7.24 19.74
C GLY B 223 30.38 7.24 18.26
N HIS B 224 29.11 7.48 17.96
CA HIS B 224 28.67 7.53 16.57
C HIS B 224 29.21 8.80 15.91
N GLU B 225 29.24 8.78 14.58
CA GLU B 225 29.78 9.88 13.79
C GLU B 225 28.73 10.59 12.95
N SER B 226 27.46 10.26 13.11
CA SER B 226 26.40 10.89 12.32
C SER B 226 25.09 10.79 13.10
N ASP B 227 24.00 11.16 12.45
CA ASP B 227 22.69 11.17 13.08
C ASP B 227 22.24 9.75 13.41
N ILE B 228 21.74 9.56 14.61
CA ILE B 228 21.20 8.27 15.05
C ILE B 228 19.74 8.19 14.64
N ASN B 229 19.38 7.12 13.92
CA ASN B 229 18.04 6.98 13.40
C ASN B 229 17.19 5.97 14.16
N ALA B 230 17.81 4.97 14.79
CA ALA B 230 17.08 3.91 15.46
C ALA B 230 17.73 3.59 16.79
N ILE B 231 16.91 3.12 17.73
CA ILE B 231 17.37 2.72 19.05
C ILE B 231 16.48 1.57 19.53
N CYS B 232 17.08 0.56 20.15
CA CYS B 232 16.36 -0.61 20.63
C CYS B 232 16.93 -1.04 21.97
N PHE B 233 16.09 -1.57 22.84
CA PHE B 233 16.53 -1.95 24.17
C PHE B 233 16.71 -3.47 24.24
N PHE B 234 17.78 -3.89 24.92
CA PHE B 234 18.10 -5.31 25.05
C PHE B 234 17.07 -5.99 25.95
N PRO B 235 16.73 -7.26 25.67
CA PRO B 235 15.67 -7.92 26.45
C PRO B 235 15.94 -7.95 27.94
N ASN B 236 17.21 -8.10 28.34
CA ASN B 236 17.58 -8.10 29.74
C ASN B 236 17.28 -6.76 30.38
N GLY B 237 17.49 -5.67 29.64
CA GLY B 237 17.29 -4.33 30.16
C GLY B 237 18.53 -3.65 30.67
N ASN B 238 19.72 -4.20 30.40
CA ASN B 238 20.97 -3.63 30.87
C ASN B 238 21.86 -3.17 29.73
N ALA B 239 21.36 -3.14 28.50
CA ALA B 239 22.14 -2.71 27.34
C ALA B 239 21.16 -2.26 26.26
N PHE B 240 21.70 -1.65 25.21
CA PHE B 240 20.86 -1.24 24.10
C PHE B 240 21.71 -1.11 22.84
N ALA B 241 21.03 -1.06 21.70
CA ALA B 241 21.66 -0.99 20.39
C ALA B 241 21.27 0.29 19.68
N THR B 242 22.20 0.82 18.89
CA THR B 242 22.03 2.10 18.22
C THR B 242 22.44 1.97 16.77
N GLY B 243 21.66 2.56 15.88
CA GLY B 243 21.99 2.58 14.45
C GLY B 243 21.93 4.00 13.93
N SER B 244 22.88 4.34 13.05
CA SER B 244 23.02 5.71 12.59
C SER B 244 23.35 5.74 11.09
N ASP B 245 23.74 6.92 10.61
CA ASP B 245 23.97 7.17 9.19
C ASP B 245 25.37 6.78 8.72
N ASP B 246 26.30 6.48 9.63
CA ASP B 246 27.65 6.09 9.23
C ASP B 246 27.77 4.60 8.95
N ALA B 247 26.65 3.92 8.68
CA ALA B 247 26.64 2.53 8.26
C ALA B 247 27.20 1.58 9.31
N THR B 248 27.05 1.93 10.60
CA THR B 248 27.49 1.07 11.68
C THR B 248 26.39 0.97 12.73
N CYS B 249 26.35 -0.18 13.40
CA CYS B 249 25.54 -0.37 14.59
C CYS B 249 26.46 -0.48 15.80
N ARG B 250 25.96 -0.08 16.96
CA ARG B 250 26.79 -0.13 18.16
C ARG B 250 25.97 -0.61 19.34
N LEU B 251 26.65 -1.22 20.30
CA LEU B 251 26.01 -1.77 21.51
C LEU B 251 26.59 -1.07 22.72
N PHE B 252 25.72 -0.55 23.59
CA PHE B 252 26.11 0.17 24.78
C PHE B 252 25.57 -0.52 26.02
N ASP B 253 26.36 -0.55 27.08
CA ASP B 253 25.97 -1.14 28.35
C ASP B 253 25.71 -0.04 29.36
N LEU B 254 24.61 -0.17 30.11
CA LEU B 254 24.25 0.84 31.09
C LEU B 254 25.18 0.79 32.31
N ARG B 255 25.44 -0.41 32.83
CA ARG B 255 26.23 -0.52 34.05
C ARG B 255 27.71 -0.26 33.79
N ALA B 256 28.25 -0.74 32.66
CA ALA B 256 29.62 -0.41 32.30
C ALA B 256 29.76 1.03 31.85
N ASP B 257 28.67 1.66 31.43
CA ASP B 257 28.64 3.06 31.04
C ASP B 257 29.64 3.36 29.91
N GLN B 258 29.69 2.47 28.92
CA GLN B 258 30.58 2.67 27.78
C GLN B 258 30.15 1.74 26.65
N GLU B 259 30.94 1.70 25.59
CA GLU B 259 30.66 0.92 24.39
C GLU B 259 31.19 -0.49 24.52
N LEU B 260 30.47 -1.44 23.93
CA LEU B 260 30.84 -2.85 23.98
C LEU B 260 31.22 -3.41 22.61
N MET B 261 30.34 -3.29 21.61
CA MET B 261 30.56 -3.94 20.33
C MET B 261 30.14 -3.00 19.19
N THR B 262 30.80 -3.16 18.04
CA THR B 262 30.49 -2.43 16.82
C THR B 262 30.24 -3.42 15.70
N TYR B 263 29.13 -3.23 14.98
CA TYR B 263 28.74 -4.08 13.87
C TYR B 263 28.82 -3.26 12.59
N SER B 264 29.82 -3.57 11.76
CA SER B 264 30.02 -2.86 10.50
C SER B 264 30.69 -3.79 9.50
N HIS B 265 30.51 -3.48 8.23
CA HIS B 265 31.12 -4.24 7.14
C HIS B 265 31.67 -3.27 6.11
N ASP B 266 32.69 -3.72 5.38
CA ASP B 266 33.34 -2.85 4.40
C ASP B 266 32.45 -2.60 3.18
N ASN B 267 31.50 -3.50 2.91
CA ASN B 267 30.64 -3.38 1.74
C ASN B 267 29.34 -2.64 2.03
N ILE B 268 29.15 -2.16 3.26
CA ILE B 268 27.95 -1.42 3.63
C ILE B 268 28.33 0.04 3.81
N ILE B 269 27.68 0.92 3.03
CA ILE B 269 27.94 2.35 3.09
C ILE B 269 26.67 3.18 3.23
N CYS B 270 25.51 2.55 3.27
CA CYS B 270 24.25 3.27 3.41
C CYS B 270 23.86 3.39 4.88
N GLY B 271 22.85 4.22 5.14
CA GLY B 271 22.39 4.42 6.49
C GLY B 271 21.54 3.26 6.99
N ILE B 272 21.26 3.30 8.30
CA ILE B 272 20.47 2.28 8.98
C ILE B 272 19.21 2.94 9.49
N THR B 273 18.06 2.33 9.22
CA THR B 273 16.78 2.91 9.57
C THR B 273 16.15 2.28 10.81
N SER B 274 16.37 1.00 11.06
CA SER B 274 15.70 0.30 12.14
C SER B 274 16.65 -0.71 12.76
N VAL B 275 16.42 -0.99 14.04
CA VAL B 275 17.13 -2.05 14.77
C VAL B 275 16.13 -2.78 15.65
N SER B 276 16.39 -4.08 15.84
CA SER B 276 15.53 -4.89 16.70
C SER B 276 16.34 -6.08 17.19
N PHE B 277 15.85 -6.68 18.28
CA PHE B 277 16.50 -7.82 18.89
C PHE B 277 15.58 -9.04 18.84
N SER B 278 16.18 -10.21 18.85
CA SER B 278 15.42 -11.46 18.94
C SER B 278 14.99 -11.70 20.38
N LYS B 279 14.22 -12.76 20.60
CA LYS B 279 13.67 -13.02 21.92
C LYS B 279 14.77 -13.27 22.95
N SER B 280 15.79 -14.06 22.58
CA SER B 280 16.89 -14.32 23.48
C SER B 280 17.94 -13.22 23.46
N GLY B 281 17.89 -12.31 22.50
CA GLY B 281 18.86 -11.24 22.41
C GLY B 281 20.16 -11.61 21.73
N ARG B 282 20.21 -12.73 21.03
CA ARG B 282 21.43 -13.16 20.37
C ARG B 282 21.54 -12.63 18.94
N LEU B 283 20.43 -12.35 18.28
CA LEU B 283 20.43 -11.83 16.92
C LEU B 283 19.96 -10.39 16.93
N LEU B 284 20.59 -9.56 16.09
CA LEU B 284 20.24 -8.16 15.95
C LEU B 284 19.89 -7.90 14.48
N LEU B 285 18.67 -7.45 14.23
CA LEU B 285 18.20 -7.22 12.87
C LEU B 285 18.19 -5.73 12.57
N ALA B 286 18.80 -5.35 11.45
CA ALA B 286 18.92 -3.94 11.09
C ALA B 286 18.53 -3.75 9.63
N GLY B 287 17.63 -2.80 9.37
CA GLY B 287 17.23 -2.48 8.00
C GLY B 287 18.05 -1.32 7.45
N TYR B 288 18.39 -1.42 6.17
CA TYR B 288 19.30 -0.47 5.55
C TYR B 288 18.63 0.25 4.40
N ASP B 289 19.33 1.28 3.89
CA ASP B 289 18.84 2.04 2.74
C ASP B 289 19.04 1.32 1.42
N ASP B 290 19.86 0.28 1.39
CA ASP B 290 20.11 -0.49 0.17
C ASP B 290 19.10 -1.60 -0.04
N PHE B 291 17.91 -1.47 0.55
CA PHE B 291 16.75 -2.33 0.34
C PHE B 291 16.90 -3.68 1.04
N ASN B 292 17.79 -3.80 2.02
CA ASN B 292 18.08 -5.08 2.65
C ASN B 292 17.86 -5.00 4.16
N CYS B 293 17.78 -6.18 4.77
CA CYS B 293 17.84 -6.31 6.22
C CYS B 293 18.94 -7.30 6.56
N ASN B 294 19.76 -6.95 7.55
CA ASN B 294 20.90 -7.78 7.94
C ASN B 294 20.69 -8.33 9.34
N VAL B 295 21.09 -9.58 9.54
CA VAL B 295 21.03 -10.24 10.84
C VAL B 295 22.46 -10.37 11.34
N TRP B 296 22.71 -9.88 12.54
CA TRP B 296 24.03 -9.86 13.13
C TRP B 296 24.06 -10.73 14.39
N ASP B 297 25.14 -11.48 14.55
CA ASP B 297 25.40 -12.17 15.81
C ASP B 297 25.80 -11.14 16.86
N ALA B 298 24.93 -10.90 17.83
CA ALA B 298 25.14 -9.83 18.79
C ALA B 298 26.37 -10.05 19.66
N LEU B 299 26.85 -11.28 19.77
CA LEU B 299 28.00 -11.57 20.63
C LEU B 299 29.31 -11.59 19.87
N LYS B 300 29.36 -12.29 18.73
CA LYS B 300 30.58 -12.42 17.96
C LYS B 300 30.73 -11.33 16.89
N ALA B 301 29.72 -10.50 16.69
CA ALA B 301 29.75 -9.41 15.71
C ALA B 301 30.07 -9.93 14.31
N ASP B 302 29.36 -10.98 13.92
CA ASP B 302 29.51 -11.59 12.60
C ASP B 302 28.19 -11.55 11.85
N ARG B 303 28.28 -11.37 10.54
CA ARG B 303 27.09 -11.38 9.70
C ARG B 303 26.54 -12.80 9.62
N ALA B 304 25.23 -12.94 9.84
CA ALA B 304 24.58 -14.24 9.86
C ALA B 304 23.69 -14.49 8.66
N GLY B 305 22.89 -13.51 8.24
CA GLY B 305 22.01 -13.70 7.10
C GLY B 305 21.45 -12.39 6.64
N VAL B 306 20.79 -12.44 5.48
CA VAL B 306 20.16 -11.26 4.89
C VAL B 306 18.73 -11.59 4.50
N LEU B 307 17.87 -10.59 4.63
CA LEU B 307 16.51 -10.62 4.13
C LEU B 307 16.42 -9.61 3.00
N ALA B 308 16.13 -10.09 1.78
CA ALA B 308 16.12 -9.28 0.57
C ALA B 308 14.88 -9.61 -0.23
N GLY B 309 13.82 -8.81 -0.06
CA GLY B 309 12.61 -9.00 -0.82
C GLY B 309 11.90 -7.70 -1.14
N HIS B 310 12.53 -6.57 -0.84
CA HIS B 310 11.90 -5.27 -0.99
C HIS B 310 12.56 -4.50 -2.12
N ASP B 311 11.75 -3.76 -2.87
CA ASP B 311 12.20 -3.01 -4.04
C ASP B 311 12.56 -1.56 -3.72
N ASN B 312 12.47 -1.15 -2.45
CA ASN B 312 12.80 0.21 -2.06
C ASN B 312 13.34 0.19 -0.64
N ARG B 313 13.57 1.38 -0.09
CA ARG B 313 14.19 1.51 1.22
C ARG B 313 13.35 0.83 2.29
N VAL B 314 14.01 0.03 3.14
CA VAL B 314 13.38 -0.56 4.30
C VAL B 314 13.34 0.48 5.40
N SER B 315 12.14 0.78 5.89
CA SER B 315 11.95 1.88 6.82
C SER B 315 11.62 1.44 8.24
N CYS B 316 11.07 0.24 8.43
CA CYS B 316 10.68 -0.19 9.76
C CYS B 316 10.69 -1.72 9.82
N LEU B 317 10.98 -2.23 11.01
CA LEU B 317 10.88 -3.67 11.26
C LEU B 317 10.61 -3.89 12.74
N GLY B 318 10.02 -5.04 13.05
CA GLY B 318 9.68 -5.38 14.41
C GLY B 318 9.54 -6.87 14.66
N VAL B 319 9.98 -7.32 15.83
CA VAL B 319 9.91 -8.72 16.22
C VAL B 319 8.77 -8.90 17.20
N THR B 320 7.99 -9.97 17.01
CA THR B 320 6.83 -10.23 17.86
C THR B 320 7.27 -10.54 19.28
N ASP B 321 6.30 -10.44 20.20
CA ASP B 321 6.59 -10.63 21.61
C ASP B 321 7.08 -12.05 21.90
N ASP B 322 6.45 -13.04 21.27
CA ASP B 322 6.88 -14.43 21.43
C ASP B 322 8.02 -14.81 20.50
N GLY B 323 8.45 -13.90 19.62
CA GLY B 323 9.61 -14.13 18.80
C GLY B 323 9.43 -15.14 17.68
N MET B 324 8.19 -15.36 17.24
CA MET B 324 7.92 -16.37 16.23
C MET B 324 8.04 -15.83 14.80
N ALA B 325 8.13 -14.51 14.62
CA ALA B 325 8.21 -13.93 13.29
C ALA B 325 8.77 -12.51 13.41
N VAL B 326 9.18 -11.97 12.27
CA VAL B 326 9.63 -10.59 12.17
C VAL B 326 8.91 -9.93 11.00
N ALA B 327 8.38 -8.74 11.23
CA ALA B 327 7.66 -7.98 10.21
C ALA B 327 8.54 -6.84 9.71
N THR B 328 8.54 -6.65 8.39
CA THR B 328 9.39 -5.63 7.76
C THR B 328 8.54 -4.83 6.78
N GLY B 329 8.56 -3.52 6.91
CA GLY B 329 7.90 -2.63 5.97
C GLY B 329 8.90 -1.86 5.15
N SER B 330 8.47 -1.24 4.06
CA SER B 330 9.40 -0.59 3.15
C SER B 330 8.64 0.46 2.33
N TRP B 331 9.40 1.33 1.67
CA TRP B 331 8.85 2.41 0.87
C TRP B 331 8.15 1.93 -0.40
N ASP B 332 8.27 0.65 -0.74
CA ASP B 332 7.57 0.09 -1.88
C ASP B 332 6.14 -0.33 -1.54
N SER B 333 5.61 0.15 -0.42
CA SER B 333 4.20 -0.01 -0.03
C SER B 333 3.82 -1.47 0.22
N PHE B 334 4.74 -2.25 0.78
CA PHE B 334 4.47 -3.63 1.13
C PHE B 334 5.05 -3.95 2.49
N LEU B 335 4.40 -4.89 3.19
CA LEU B 335 4.89 -5.44 4.44
C LEU B 335 5.05 -6.94 4.28
N LYS B 336 6.10 -7.49 4.89
CA LYS B 336 6.40 -8.92 4.77
C LYS B 336 6.72 -9.51 6.13
N ILE B 337 6.25 -10.72 6.36
CA ILE B 337 6.51 -11.48 7.59
C ILE B 337 7.50 -12.58 7.25
N TRP B 338 8.53 -12.72 8.09
CA TRP B 338 9.59 -13.70 7.87
C TRP B 338 9.80 -14.53 9.12
N ASN B 339 10.05 -15.82 8.91
CA ASN B 339 10.52 -16.72 9.97
C ASN B 339 11.01 -18.04 9.38
N GLY C 2 -11.68 -21.22 1.19
CA GLY C 2 -13.05 -21.04 1.63
C GLY C 2 -13.74 -22.35 1.98
N CYS C 3 -13.07 -23.46 1.69
CA CYS C 3 -13.65 -24.77 1.99
C CYS C 3 -13.79 -24.99 3.49
N THR C 4 -12.79 -24.59 4.26
CA THR C 4 -12.77 -24.81 5.70
C THR C 4 -13.15 -23.58 6.52
N LEU C 5 -13.31 -22.42 5.88
CA LEU C 5 -13.63 -21.20 6.61
C LEU C 5 -15.01 -21.32 7.26
N SER C 6 -15.10 -20.87 8.50
CA SER C 6 -16.37 -20.87 9.22
C SER C 6 -17.20 -19.65 8.82
N ALA C 7 -18.37 -19.51 9.43
CA ALA C 7 -19.25 -18.40 9.10
C ALA C 7 -18.62 -17.07 9.46
N GLU C 8 -18.04 -16.96 10.66
CA GLU C 8 -17.44 -15.70 11.09
C GLU C 8 -16.19 -15.39 10.28
N ASP C 9 -15.41 -16.42 9.91
CA ASP C 9 -14.25 -16.19 9.05
C ASP C 9 -14.66 -15.66 7.68
N LYS C 10 -15.74 -16.21 7.11
CA LYS C 10 -16.24 -15.71 5.84
C LYS C 10 -16.72 -14.26 5.95
N ALA C 11 -17.40 -13.94 7.05
CA ALA C 11 -17.85 -12.56 7.25
C ALA C 11 -16.67 -11.61 7.39
N ALA C 12 -15.62 -12.03 8.10
CA ALA C 12 -14.42 -11.20 8.22
C ALA C 12 -13.75 -11.00 6.86
N VAL C 13 -13.70 -12.04 6.04
CA VAL C 13 -13.12 -11.91 4.70
C VAL C 13 -13.93 -10.92 3.87
N GLU C 14 -15.27 -10.99 3.96
CA GLU C 14 -16.10 -10.04 3.23
C GLU C 14 -15.87 -8.62 3.69
N ARG C 15 -15.73 -8.41 5.00
CA ARG C 15 -15.43 -7.07 5.52
C ARG C 15 -14.10 -6.57 4.99
N SER C 16 -13.08 -7.43 4.96
CA SER C 16 -11.79 -7.04 4.42
C SER C 16 -11.90 -6.69 2.94
N LYS C 17 -12.71 -7.43 2.19
CA LYS C 17 -12.91 -7.12 0.78
C LYS C 17 -13.56 -5.75 0.59
N MET C 18 -14.55 -5.42 1.43
CA MET C 18 -15.16 -4.10 1.36
C MET C 18 -14.14 -3.00 1.68
N ILE C 19 -13.30 -3.24 2.68
CA ILE C 19 -12.25 -2.27 3.02
C ILE C 19 -11.30 -2.08 1.85
N ASP C 20 -10.94 -3.18 1.19
CA ASP C 20 -10.05 -3.09 0.02
C ASP C 20 -10.70 -2.28 -1.10
N ARG C 21 -11.99 -2.49 -1.35
CA ARG C 21 -12.68 -1.73 -2.38
C ARG C 21 -12.67 -0.24 -2.06
N ASN C 22 -12.94 0.11 -0.80
CA ASN C 22 -12.91 1.51 -0.40
C ASN C 22 -11.52 2.11 -0.57
N LEU C 23 -10.48 1.36 -0.19
CA LEU C 23 -9.11 1.84 -0.35
C LEU C 23 -8.77 2.08 -1.81
N ARG C 24 -9.18 1.16 -2.69
CA ARG C 24 -8.93 1.31 -4.11
C ARG C 24 -9.63 2.55 -4.66
N GLU C 25 -10.89 2.75 -4.26
CA GLU C 25 -11.62 3.94 -4.73
C GLU C 25 -10.92 5.22 -4.29
N ASP C 26 -10.52 5.28 -3.02
CA ASP C 26 -9.86 6.47 -2.52
C ASP C 26 -8.53 6.71 -3.23
N GLY C 27 -7.76 5.65 -3.46
CA GLY C 27 -6.48 5.81 -4.14
C GLY C 27 -6.64 6.28 -5.58
N GLU C 28 -7.60 5.71 -6.31
CA GLU C 28 -7.83 6.14 -7.68
C GLU C 28 -8.40 7.56 -7.74
N LYS C 29 -9.12 7.99 -6.70
CA LYS C 29 -9.57 9.39 -6.67
C LYS C 29 -8.42 10.34 -6.38
N ALA C 30 -7.51 9.95 -5.48
CA ALA C 30 -6.41 10.83 -5.11
C ALA C 30 -5.25 10.80 -6.10
N ALA C 31 -5.21 9.81 -7.00
CA ALA C 31 -4.11 9.74 -7.96
C ALA C 31 -4.14 10.89 -8.95
N ARG C 32 -5.32 11.35 -9.34
CA ARG C 32 -5.46 12.42 -10.32
C ARG C 32 -5.63 13.76 -9.59
N GLU C 33 -4.54 14.17 -8.94
CA GLU C 33 -4.52 15.39 -8.16
C GLU C 33 -3.20 16.12 -8.40
N VAL C 34 -3.24 17.44 -8.31
CA VAL C 34 -2.08 18.29 -8.54
C VAL C 34 -1.59 18.81 -7.19
N LYS C 35 -0.38 18.42 -6.80
CA LYS C 35 0.20 18.80 -5.52
C LYS C 35 1.41 19.68 -5.77
N LEU C 36 1.44 20.85 -5.13
CA LEU C 36 2.50 21.82 -5.30
C LEU C 36 3.17 22.09 -3.96
N LEU C 37 4.48 22.30 -4.00
CA LEU C 37 5.26 22.61 -2.80
C LEU C 37 5.81 24.02 -2.90
N LEU C 38 5.46 24.87 -1.94
CA LEU C 38 5.93 26.26 -1.91
C LEU C 38 7.27 26.34 -1.20
N LEU C 39 8.20 27.09 -1.79
CA LEU C 39 9.50 27.31 -1.18
C LEU C 39 9.95 28.74 -1.41
N GLY C 40 10.80 29.22 -0.52
CA GLY C 40 11.33 30.57 -0.61
C GLY C 40 12.26 30.82 0.56
N ALA C 41 12.89 32.00 0.52
CA ALA C 41 13.82 32.43 1.55
C ALA C 41 13.28 33.67 2.22
N GLY C 42 13.07 33.60 3.54
CA GLY C 42 12.54 34.73 4.27
C GLY C 42 11.13 35.07 3.82
N GLU C 43 10.80 36.36 3.90
CA GLU C 43 9.51 36.87 3.45
C GLU C 43 9.67 37.44 2.05
N SER C 44 9.17 36.70 1.05
CA SER C 44 9.24 37.12 -0.34
C SER C 44 7.89 37.01 -1.04
N GLY C 45 6.82 36.78 -0.30
CA GLY C 45 5.49 36.68 -0.88
C GLY C 45 4.94 35.27 -0.85
N LYS C 46 4.07 34.99 0.12
CA LYS C 46 3.35 33.72 0.19
C LYS C 46 1.85 33.91 0.16
N SER C 47 1.31 34.83 0.97
CA SER C 47 -0.11 35.12 0.92
C SER C 47 -0.50 35.74 -0.42
N THR C 48 0.35 36.62 -0.95
CA THR C 48 0.08 37.20 -2.26
C THR C 48 0.05 36.13 -3.35
N ILE C 49 0.97 35.17 -3.27
CA ILE C 49 0.94 34.03 -4.19
C ILE C 49 -0.30 33.17 -3.94
N VAL C 50 -0.86 33.21 -2.74
CA VAL C 50 -2.09 32.47 -2.45
C VAL C 50 -3.23 33.12 -3.21
N LYS C 51 -3.84 32.37 -4.13
CA LYS C 51 -4.96 32.84 -4.93
C LYS C 51 -6.04 31.75 -4.90
N GLN C 52 -7.11 32.00 -4.15
CA GLN C 52 -8.21 31.04 -4.02
C GLN C 52 -9.08 31.15 -5.27
N MET C 53 -8.69 30.42 -6.31
CA MET C 53 -9.41 30.43 -7.57
C MET C 53 -10.11 29.09 -7.80
N THR C 182 2.45 26.96 13.01
CA THR C 182 3.17 25.75 13.37
C THR C 182 2.81 24.60 12.42
N GLY C 183 3.75 23.67 12.24
CA GLY C 183 3.51 22.53 11.38
C GLY C 183 3.57 22.91 9.92
N ILE C 184 2.83 22.16 9.11
CA ILE C 184 2.76 22.35 7.67
C ILE C 184 1.37 22.85 7.32
N VAL C 185 1.29 23.85 6.44
CA VAL C 185 0.03 24.48 6.09
C VAL C 185 -0.41 23.96 4.72
N GLU C 186 -1.65 23.50 4.64
CA GLU C 186 -2.22 22.97 3.41
C GLU C 186 -3.34 23.88 2.91
N THR C 187 -3.38 24.07 1.60
CA THR C 187 -4.45 24.85 0.97
C THR C 187 -5.03 24.06 -0.19
N HIS C 188 -6.35 23.93 -0.22
CA HIS C 188 -7.04 23.18 -1.26
C HIS C 188 -7.87 24.15 -2.10
N PHE C 189 -7.79 24.03 -3.42
CA PHE C 189 -8.62 24.85 -4.27
C PHE C 189 -8.80 24.18 -5.62
N THR C 190 -9.87 24.58 -6.32
CA THR C 190 -10.23 24.03 -7.62
C THR C 190 -10.24 25.15 -8.65
N PHE C 191 -9.54 24.94 -9.77
CA PHE C 191 -9.46 25.98 -10.79
C PHE C 191 -10.52 25.80 -11.87
N LYS C 192 -10.47 24.70 -12.61
CA LYS C 192 -11.50 24.39 -13.60
C LYS C 192 -12.23 23.09 -13.27
N ASP C 193 -11.52 21.96 -13.26
CA ASP C 193 -12.09 20.72 -12.75
C ASP C 193 -11.06 19.93 -11.95
N LEU C 194 -9.84 20.45 -11.77
CA LEU C 194 -8.78 19.77 -11.05
C LEU C 194 -8.82 20.13 -9.58
N HIS C 195 -8.19 19.30 -8.77
CA HIS C 195 -8.03 19.54 -7.34
C HIS C 195 -6.57 19.89 -7.07
N PHE C 196 -6.33 21.09 -6.57
CA PHE C 196 -5.00 21.59 -6.28
C PHE C 196 -4.76 21.59 -4.78
N LYS C 197 -3.70 20.90 -4.36
CA LYS C 197 -3.21 20.92 -2.99
C LYS C 197 -1.91 21.70 -2.97
N MET C 198 -1.76 22.58 -1.99
CA MET C 198 -0.61 23.47 -1.90
C MET C 198 -0.02 23.33 -0.50
N PHE C 199 1.24 22.93 -0.42
CA PHE C 199 1.90 22.68 0.87
C PHE C 199 2.95 23.75 1.13
N ASP C 200 2.81 24.43 2.26
CA ASP C 200 3.76 25.42 2.72
C ASP C 200 4.42 24.91 4.00
N VAL C 201 5.75 24.87 3.99
CA VAL C 201 6.52 24.35 5.12
C VAL C 201 7.45 25.43 5.64
N GLY C 202 7.06 26.69 5.49
CA GLY C 202 7.91 27.79 5.93
C GLY C 202 8.05 27.91 7.43
N ALA C 203 7.13 27.31 8.19
CA ALA C 203 7.16 27.39 9.64
C ALA C 203 7.98 26.29 10.29
N GLN C 204 8.46 25.32 9.51
CA GLN C 204 9.24 24.22 10.05
C GLN C 204 10.68 24.68 10.26
N ARG C 205 11.13 24.71 11.51
CA ARG C 205 12.45 25.21 11.87
C ARG C 205 13.44 24.08 12.15
N SER C 206 13.08 22.83 11.90
CA SER C 206 13.96 21.70 12.17
C SER C 206 14.88 21.46 10.98
N GLU C 207 15.61 20.34 11.01
CA GLU C 207 16.53 20.02 9.93
C GLU C 207 15.77 19.62 8.68
N ARG C 208 16.11 20.24 7.55
CA ARG C 208 15.36 20.00 6.31
C ARG C 208 15.60 18.61 5.76
N LYS C 209 16.82 18.09 5.90
CA LYS C 209 17.17 16.80 5.29
C LYS C 209 16.45 15.63 5.95
N LYS C 210 15.82 15.83 7.10
CA LYS C 210 15.15 14.75 7.80
C LYS C 210 13.70 14.54 7.37
N TRP C 211 13.12 15.46 6.60
CA TRP C 211 11.76 15.29 6.11
C TRP C 211 11.59 15.69 4.66
N ILE C 212 12.63 16.18 3.99
CA ILE C 212 12.50 16.63 2.62
C ILE C 212 12.18 15.47 1.67
N HIS C 213 12.45 14.24 2.08
CA HIS C 213 12.10 13.10 1.24
C HIS C 213 10.62 12.76 1.31
N CYS C 214 9.87 13.34 2.25
CA CYS C 214 8.43 13.12 2.32
C CYS C 214 7.71 13.72 1.13
N PHE C 215 8.31 14.70 0.46
CA PHE C 215 7.69 15.38 -0.67
C PHE C 215 8.21 14.87 -2.01
N GLU C 216 8.93 13.76 -2.03
CA GLU C 216 9.43 13.17 -3.26
C GLU C 216 8.26 12.57 -4.03
N GLY C 217 7.79 13.29 -5.04
CA GLY C 217 6.64 12.83 -5.81
C GLY C 217 5.60 13.91 -6.03
N VAL C 218 5.91 15.14 -5.59
CA VAL C 218 5.02 16.26 -5.82
C VAL C 218 5.05 16.62 -7.31
N THR C 219 3.94 17.19 -7.79
CA THR C 219 3.86 17.57 -9.19
C THR C 219 4.83 18.69 -9.52
N ALA C 220 4.92 19.70 -8.67
CA ALA C 220 5.77 20.84 -8.97
C ALA C 220 6.23 21.53 -7.68
N ILE C 221 7.38 22.20 -7.79
CA ILE C 221 7.94 23.00 -6.72
C ILE C 221 7.95 24.46 -7.18
N ILE C 222 7.22 25.31 -6.45
CA ILE C 222 7.14 26.73 -6.77
C ILE C 222 8.11 27.47 -5.86
N PHE C 223 9.16 28.03 -6.44
CA PHE C 223 10.19 28.75 -5.71
C PHE C 223 9.99 30.24 -5.94
N CYS C 224 9.74 30.98 -4.86
CA CYS C 224 9.50 32.41 -4.91
C CYS C 224 10.77 33.17 -4.54
N VAL C 225 11.12 34.17 -5.34
CA VAL C 225 12.32 34.98 -5.14
C VAL C 225 11.92 36.44 -5.32
N ALA C 226 12.36 37.28 -4.39
CA ALA C 226 12.08 38.72 -4.44
C ALA C 226 13.20 39.42 -5.20
N LEU C 227 12.84 40.16 -6.24
CA LEU C 227 13.83 40.90 -7.02
C LEU C 227 14.32 42.14 -6.28
N SER C 228 13.58 42.60 -5.27
CA SER C 228 13.98 43.80 -4.53
C SER C 228 15.16 43.56 -3.61
N ASP C 229 15.57 42.31 -3.41
CA ASP C 229 16.70 41.99 -2.54
C ASP C 229 18.04 42.07 -3.26
N TYR C 230 18.10 42.78 -4.39
CA TYR C 230 19.34 42.91 -5.13
C TYR C 230 20.29 43.94 -4.54
N ASP C 231 19.82 44.76 -3.59
CA ASP C 231 20.66 45.80 -3.00
C ASP C 231 20.63 45.86 -1.49
N LEU C 232 19.69 45.18 -0.84
CA LEU C 232 19.57 45.21 0.61
C LEU C 232 20.03 43.88 1.18
N VAL C 233 20.90 43.94 2.19
CA VAL C 233 21.49 42.74 2.79
C VAL C 233 20.88 42.52 4.16
N LEU C 234 21.09 41.31 4.69
CA LEU C 234 20.58 40.97 6.01
C LEU C 234 21.36 41.70 7.09
N ALA C 235 20.64 42.26 8.06
CA ALA C 235 21.26 42.92 9.19
C ALA C 235 21.60 41.97 10.33
N GLU C 236 21.00 40.78 10.36
CA GLU C 236 21.31 39.82 11.40
C GLU C 236 22.74 39.30 11.27
N ASP C 237 23.19 39.06 10.04
CA ASP C 237 24.54 38.59 9.78
C ASP C 237 25.16 39.50 8.72
N GLU C 238 26.36 39.99 9.02
CA GLU C 238 27.05 40.92 8.12
C GLU C 238 27.39 40.24 6.80
N GLU C 239 27.42 41.04 5.73
CA GLU C 239 27.83 40.65 4.38
C GLU C 239 27.01 39.48 3.84
N MET C 240 25.87 39.18 4.45
CA MET C 240 24.99 38.10 3.99
C MET C 240 23.86 38.73 3.19
N ASN C 241 24.11 38.92 1.89
CA ASN C 241 23.09 39.46 1.00
C ASN C 241 21.94 38.49 0.85
N ARG C 242 20.72 39.02 0.84
CA ARG C 242 19.54 38.15 0.82
C ARG C 242 19.42 37.39 -0.49
N MET C 243 19.79 38.02 -1.61
CA MET C 243 19.74 37.32 -2.89
C MET C 243 20.74 36.18 -2.93
N HIS C 244 21.94 36.39 -2.39
CA HIS C 244 22.92 35.31 -2.31
C HIS C 244 22.44 34.21 -1.36
N GLU C 245 21.76 34.60 -0.28
CA GLU C 245 21.20 33.62 0.65
C GLU C 245 20.03 32.88 0.05
N SER C 246 19.38 33.43 -0.98
CA SER C 246 18.31 32.74 -1.68
C SER C 246 18.83 31.83 -2.78
N MET C 247 19.95 32.17 -3.41
CA MET C 247 20.52 31.28 -4.42
C MET C 247 21.01 29.96 -3.85
N LYS C 248 21.56 29.96 -2.63
CA LYS C 248 22.02 28.70 -2.05
C LYS C 248 20.86 27.74 -1.79
N LEU C 249 19.71 28.26 -1.34
CA LEU C 249 18.55 27.41 -1.16
C LEU C 249 18.06 26.83 -2.48
N PHE C 250 18.06 27.64 -3.54
CA PHE C 250 17.69 27.14 -4.85
C PHE C 250 18.67 26.07 -5.34
N ASP C 251 19.97 26.28 -5.08
CA ASP C 251 20.96 25.29 -5.48
C ASP C 251 20.75 23.98 -4.73
N SER C 252 20.44 24.05 -3.44
CA SER C 252 20.19 22.84 -2.66
C SER C 252 18.94 22.12 -3.14
N ILE C 253 17.86 22.86 -3.37
CA ILE C 253 16.58 22.23 -3.73
C ILE C 253 16.64 21.65 -5.14
N CYS C 254 17.17 22.41 -6.10
CA CYS C 254 17.17 21.99 -7.49
C CYS C 254 18.00 20.72 -7.69
N ASN C 255 19.23 20.71 -7.15
CA ASN C 255 20.13 19.57 -7.29
C ASN C 255 20.00 18.71 -6.03
N ASN C 256 18.92 17.96 -5.97
CA ASN C 256 18.62 17.09 -4.84
C ASN C 256 18.38 15.67 -5.34
N LYS C 257 18.69 14.70 -4.50
CA LYS C 257 18.53 13.30 -4.89
C LYS C 257 17.05 12.93 -5.05
N TRP C 258 16.15 13.69 -4.41
CA TRP C 258 14.73 13.39 -4.49
C TRP C 258 14.01 14.16 -5.59
N PHE C 259 14.54 15.32 -6.00
CA PHE C 259 13.89 16.19 -6.97
C PHE C 259 14.66 16.21 -8.29
N THR C 260 15.16 15.06 -8.72
CA THR C 260 15.89 14.99 -9.97
C THR C 260 14.97 15.25 -11.16
N ASP C 261 13.72 14.79 -11.09
CA ASP C 261 12.79 14.92 -12.20
C ASP C 261 11.63 15.87 -11.92
N THR C 262 11.47 16.31 -10.68
CA THR C 262 10.34 17.18 -10.33
C THR C 262 10.47 18.53 -11.02
N SER C 263 9.36 19.02 -11.58
CA SER C 263 9.37 20.30 -12.27
C SER C 263 9.45 21.45 -11.26
N ILE C 264 10.17 22.50 -11.66
CA ILE C 264 10.41 23.67 -10.81
C ILE C 264 9.90 24.91 -11.53
N ILE C 265 9.06 25.68 -10.85
CA ILE C 265 8.51 26.92 -11.37
C ILE C 265 9.08 28.06 -10.54
N LEU C 266 9.84 28.94 -11.19
CA LEU C 266 10.52 30.04 -10.52
C LEU C 266 9.71 31.32 -10.69
N PHE C 267 9.27 31.90 -9.58
CA PHE C 267 8.55 33.17 -9.57
C PHE C 267 9.50 34.26 -9.11
N LEU C 268 9.55 35.35 -9.85
CA LEU C 268 10.34 36.53 -9.50
C LEU C 268 9.38 37.67 -9.21
N ASN C 269 9.14 37.93 -7.93
CA ASN C 269 8.13 38.88 -7.49
C ASN C 269 8.74 40.27 -7.31
N LYS C 270 7.87 41.23 -6.97
CA LYS C 270 8.26 42.62 -6.75
C LYS C 270 9.02 43.19 -7.95
N LYS C 271 8.52 42.88 -9.15
CA LYS C 271 9.17 43.35 -10.36
C LYS C 271 9.10 44.87 -10.48
N ASP C 272 7.95 45.45 -10.18
CA ASP C 272 7.77 46.90 -10.33
C ASP C 272 8.64 47.66 -9.33
N LEU C 273 8.56 47.31 -8.05
CA LEU C 273 9.29 48.04 -7.02
C LEU C 273 10.79 47.95 -7.25
N PHE C 274 11.28 46.79 -7.68
CA PHE C 274 12.69 46.65 -8.03
C PHE C 274 13.05 47.52 -9.23
N GLU C 275 12.14 47.68 -10.18
CA GLU C 275 12.46 48.35 -11.44
C GLU C 275 12.94 49.77 -11.21
N GLU C 276 12.31 50.50 -10.29
CA GLU C 276 12.70 51.87 -10.03
C GLU C 276 13.92 51.99 -9.12
N LYS C 277 14.40 50.89 -8.55
CA LYS C 277 15.54 50.97 -7.65
C LYS C 277 16.88 51.04 -8.38
N ILE C 278 16.93 50.65 -9.66
CA ILE C 278 18.18 50.63 -10.40
C ILE C 278 18.77 52.03 -10.57
N LYS C 279 17.94 53.08 -10.47
CA LYS C 279 18.40 54.43 -10.70
C LYS C 279 19.43 54.89 -9.68
N LYS C 280 19.52 54.23 -8.52
CA LYS C 280 20.45 54.62 -7.46
C LYS C 280 21.56 53.61 -7.26
N SER C 281 21.21 52.35 -6.95
CA SER C 281 22.20 51.32 -6.66
C SER C 281 22.31 50.36 -7.84
N PRO C 282 23.47 50.26 -8.48
CA PRO C 282 23.60 49.33 -9.62
C PRO C 282 23.60 47.87 -9.17
N LEU C 283 23.59 46.95 -10.13
CA LEU C 283 23.59 45.53 -9.81
C LEU C 283 24.93 45.05 -9.26
N THR C 284 25.97 45.89 -9.28
CA THR C 284 27.26 45.51 -8.75
C THR C 284 27.21 45.24 -7.25
N ILE C 285 26.19 45.75 -6.55
CA ILE C 285 26.07 45.50 -5.11
C ILE C 285 25.91 44.00 -4.85
N CYS C 286 25.17 43.32 -5.71
CA CYS C 286 25.07 41.87 -5.65
C CYS C 286 26.21 41.18 -6.39
N TYR C 287 26.38 41.51 -7.68
CA TYR C 287 27.37 40.89 -8.55
C TYR C 287 28.32 41.96 -9.05
N PRO C 288 29.45 42.17 -8.36
CA PRO C 288 30.41 43.18 -8.83
C PRO C 288 30.93 42.90 -10.23
N GLU C 289 31.03 41.63 -10.62
CA GLU C 289 31.48 41.25 -11.96
C GLU C 289 30.30 41.31 -12.93
N TYR C 290 29.87 42.54 -13.22
CA TYR C 290 28.74 42.78 -14.09
C TYR C 290 28.89 44.15 -14.74
N ALA C 291 28.49 44.23 -16.02
CA ALA C 291 28.54 45.48 -16.76
C ALA C 291 27.47 45.45 -17.83
N GLY C 292 26.53 46.38 -17.77
CA GLY C 292 25.46 46.43 -18.74
C GLY C 292 24.56 47.62 -18.49
N SER C 293 23.56 47.76 -19.36
CA SER C 293 22.62 48.86 -19.24
C SER C 293 21.83 48.75 -17.93
N ASN C 294 21.71 49.88 -17.23
CA ASN C 294 21.05 49.90 -15.93
C ASN C 294 19.55 50.14 -16.06
N THR C 295 18.89 49.31 -16.86
CA THR C 295 17.45 49.35 -17.02
C THR C 295 16.85 48.03 -16.54
N TYR C 296 15.54 48.05 -16.29
CA TYR C 296 14.85 46.86 -15.82
C TYR C 296 14.89 45.74 -16.85
N GLU C 297 14.77 46.08 -18.14
CA GLU C 297 14.57 45.07 -19.17
C GLU C 297 15.80 44.18 -19.37
N GLU C 298 16.95 44.55 -18.82
CA GLU C 298 18.17 43.76 -18.96
C GLU C 298 18.74 43.30 -17.64
N ALA C 299 18.67 44.14 -16.59
CA ALA C 299 19.14 43.72 -15.27
C ALA C 299 18.31 42.55 -14.76
N ALA C 300 16.99 42.59 -14.97
CA ALA C 300 16.15 41.48 -14.57
C ALA C 300 16.49 40.20 -15.34
N ALA C 301 16.75 40.32 -16.64
CA ALA C 301 17.13 39.16 -17.44
C ALA C 301 18.47 38.59 -17.01
N TYR C 302 19.39 39.43 -16.54
CA TYR C 302 20.66 38.91 -16.04
C TYR C 302 20.44 38.02 -14.82
N ILE C 303 19.56 38.43 -13.90
CA ILE C 303 19.22 37.60 -12.76
C ILE C 303 18.47 36.35 -13.20
N GLN C 304 17.61 36.49 -14.21
CA GLN C 304 16.94 35.34 -14.80
C GLN C 304 17.94 34.28 -15.24
N CYS C 305 19.00 34.71 -15.93
CA CYS C 305 20.05 33.78 -16.35
C CYS C 305 20.86 33.26 -15.17
N GLN C 306 21.16 34.12 -14.19
CA GLN C 306 21.96 33.70 -13.05
C GLN C 306 21.29 32.58 -12.27
N PHE C 307 19.98 32.69 -12.05
CA PHE C 307 19.27 31.63 -11.35
C PHE C 307 19.14 30.38 -12.20
N GLU C 308 19.02 30.52 -13.52
CA GLU C 308 18.82 29.36 -14.37
C GLU C 308 20.09 28.55 -14.57
N ASP C 309 21.26 29.20 -14.55
CA ASP C 309 22.49 28.45 -14.77
C ASP C 309 22.89 27.59 -13.57
N LEU C 310 22.24 27.75 -12.41
CA LEU C 310 22.54 26.90 -11.27
C LEU C 310 22.10 25.46 -11.49
N ASN C 311 21.22 25.22 -12.46
CA ASN C 311 20.78 23.85 -12.76
C ASN C 311 21.90 23.08 -13.44
N LYS C 312 22.26 21.92 -12.88
CA LYS C 312 23.29 21.06 -13.45
C LYS C 312 22.69 19.84 -14.15
N ARG C 313 21.40 19.86 -14.43
CA ARG C 313 20.71 18.78 -15.12
C ARG C 313 19.82 19.39 -16.21
N LYS C 314 20.44 20.23 -17.04
CA LYS C 314 19.68 20.99 -18.04
C LYS C 314 18.90 20.09 -18.97
N ASP C 315 19.37 18.86 -19.20
CA ASP C 315 18.60 17.89 -19.96
C ASP C 315 17.71 17.08 -19.01
N THR C 316 16.61 16.57 -19.55
CA THR C 316 15.60 15.81 -18.80
C THR C 316 15.06 16.58 -17.59
N LYS C 317 15.24 17.90 -17.56
CA LYS C 317 14.71 18.75 -16.50
C LYS C 317 14.89 20.20 -16.92
N GLU C 318 13.90 21.03 -16.60
CA GLU C 318 13.94 22.43 -16.98
C GLU C 318 13.08 23.25 -16.02
N ILE C 319 13.28 24.56 -16.05
CA ILE C 319 12.65 25.48 -15.11
C ILE C 319 11.76 26.44 -15.91
N TYR C 320 10.53 26.61 -15.45
CA TYR C 320 9.61 27.59 -16.01
C TYR C 320 9.65 28.85 -15.15
N THR C 321 10.19 29.93 -15.69
CA THR C 321 10.35 31.17 -14.95
C THR C 321 9.34 32.21 -15.43
N HIS C 322 8.67 32.84 -14.47
CA HIS C 322 7.66 33.86 -14.75
C HIS C 322 7.93 35.10 -13.92
N PHE C 323 7.74 36.27 -14.53
CA PHE C 323 7.85 37.54 -13.83
C PHE C 323 6.47 37.91 -13.31
N THR C 324 6.32 37.97 -11.99
CA THR C 324 5.02 38.17 -11.37
C THR C 324 4.46 39.54 -11.74
N CYS C 325 3.17 39.57 -12.10
CA CYS C 325 2.48 40.78 -12.48
C CYS C 325 1.31 41.03 -11.54
N SER C 326 0.85 42.28 -11.52
CA SER C 326 -0.24 42.68 -10.64
C SER C 326 -1.61 42.43 -11.24
N THR C 327 -1.70 41.85 -12.44
CA THR C 327 -3.00 41.61 -13.06
C THR C 327 -3.81 40.54 -12.33
N ASP C 328 -3.17 39.77 -11.45
CA ASP C 328 -3.78 38.77 -10.57
C ASP C 328 -4.31 37.55 -11.33
N THR C 329 -4.23 37.52 -12.65
CA THR C 329 -4.75 36.41 -13.44
C THR C 329 -3.69 35.65 -14.22
N GLU C 330 -2.60 36.30 -14.62
CA GLU C 330 -1.58 35.62 -15.41
C GLU C 330 -0.82 34.60 -14.57
N ASN C 331 -0.76 34.78 -13.26
CA ASN C 331 -0.03 33.83 -12.41
C ASN C 331 -0.66 32.45 -12.45
N ILE C 332 -1.97 32.37 -12.23
CA ILE C 332 -2.65 31.08 -12.28
C ILE C 332 -2.66 30.49 -13.68
N ARG C 333 -2.74 31.32 -14.72
CA ARG C 333 -2.66 30.80 -16.08
C ARG C 333 -1.29 30.20 -16.39
N PHE C 334 -0.22 30.87 -15.98
CA PHE C 334 1.12 30.33 -16.19
C PHE C 334 1.33 29.06 -15.39
N VAL C 335 0.84 29.03 -14.14
CA VAL C 335 0.96 27.82 -13.33
C VAL C 335 0.19 26.67 -13.98
N PHE C 336 -1.00 26.95 -14.51
CA PHE C 336 -1.78 25.92 -15.19
C PHE C 336 -1.06 25.39 -16.42
N ALA C 337 -0.45 26.29 -17.21
CA ALA C 337 0.29 25.85 -18.38
C ALA C 337 1.48 24.98 -18.00
N ALA C 338 2.23 25.39 -16.97
CA ALA C 338 3.38 24.60 -16.53
C ALA C 338 2.94 23.24 -16.00
N VAL C 339 1.84 23.20 -15.24
CA VAL C 339 1.36 21.93 -14.70
C VAL C 339 0.88 21.03 -15.83
N LYS C 340 0.21 21.59 -16.83
CA LYS C 340 -0.23 20.79 -17.98
C LYS C 340 0.95 20.20 -18.72
N ASP C 341 2.00 21.00 -18.94
CA ASP C 341 3.19 20.47 -19.59
C ASP C 341 3.91 19.42 -18.75
N THR C 342 3.88 19.56 -17.41
CA THR C 342 4.47 18.53 -16.56
C THR C 342 3.68 17.23 -16.62
N ILE C 343 2.35 17.33 -16.58
CA ILE C 343 1.51 16.13 -16.61
C ILE C 343 1.62 15.43 -17.97
N LEU C 344 1.77 16.20 -19.05
CA LEU C 344 1.97 15.58 -20.36
C LEU C 344 3.23 14.73 -20.39
N GLN C 345 4.34 15.24 -19.87
CA GLN C 345 5.59 14.48 -19.82
C GLN C 345 5.53 13.33 -18.84
N LEU C 346 4.76 13.45 -17.76
CA LEU C 346 4.56 12.31 -16.86
C LEU C 346 3.73 11.22 -17.52
N ASN C 347 2.74 11.60 -18.35
CA ASN C 347 1.95 10.60 -19.06
C ASN C 347 2.74 9.94 -20.18
N LEU C 348 3.67 10.68 -20.79
CA LEU C 348 4.51 10.08 -21.83
C LEU C 348 5.30 8.90 -21.29
N LYS C 349 5.84 9.01 -20.08
CA LYS C 349 6.63 7.92 -19.50
C LYS C 349 5.75 6.74 -19.10
N GLU C 350 4.56 7.01 -18.57
CA GLU C 350 3.70 5.93 -18.08
C GLU C 350 3.17 5.05 -19.21
N TYR C 351 2.91 5.63 -20.39
CA TYR C 351 2.35 4.88 -21.51
C TYR C 351 3.41 4.43 -22.51
N ASN C 352 4.66 4.29 -22.07
CA ASN C 352 5.74 3.62 -22.78
C ASN C 352 6.25 4.38 -24.00
N LEU C 353 5.82 5.62 -24.22
CA LEU C 353 6.38 6.38 -25.33
C LEU C 353 7.78 6.88 -25.03
N VAL C 354 8.11 7.05 -23.75
CA VAL C 354 9.44 7.49 -23.37
C VAL C 354 9.87 6.80 -22.09
N SER D 8 24.33 33.03 29.48
CA SER D 8 25.62 32.34 29.37
C SER D 8 26.03 31.74 30.72
N ILE D 9 25.86 32.54 31.79
CA ILE D 9 26.24 32.08 33.12
C ILE D 9 25.44 30.85 33.51
N ALA D 10 24.11 30.93 33.38
CA ALA D 10 23.27 29.77 33.66
C ALA D 10 23.50 28.65 32.68
N GLN D 11 23.73 28.99 31.40
CA GLN D 11 24.02 28.00 30.37
C GLN D 11 25.23 27.14 30.76
N ALA D 12 26.24 27.76 31.36
CA ALA D 12 27.44 27.03 31.76
C ALA D 12 27.25 26.32 33.09
N ARG D 13 26.58 26.96 34.04
CA ARG D 13 26.39 26.37 35.36
C ARG D 13 25.52 25.12 35.31
N LYS D 14 24.44 25.15 34.51
CA LYS D 14 23.60 23.97 34.38
C LYS D 14 24.35 22.82 33.74
N LEU D 15 25.17 23.10 32.72
CA LEU D 15 25.96 22.06 32.09
C LEU D 15 26.97 21.47 33.09
N VAL D 16 27.60 22.33 33.89
CA VAL D 16 28.56 21.84 34.88
C VAL D 16 27.85 20.96 35.91
N GLU D 17 26.67 21.38 36.37
CA GLU D 17 25.93 20.57 37.34
C GLU D 17 25.52 19.23 36.75
N GLN D 18 25.07 19.23 35.49
CA GLN D 18 24.69 17.97 34.84
C GLN D 18 25.90 17.04 34.69
N LEU D 19 27.05 17.59 34.31
CA LEU D 19 28.26 16.77 34.22
C LEU D 19 28.65 16.22 35.58
N LYS D 20 28.54 17.02 36.63
CA LYS D 20 28.86 16.55 37.97
C LYS D 20 27.92 15.42 38.38
N MET D 21 26.62 15.55 38.06
CA MET D 21 25.68 14.49 38.39
C MET D 21 25.98 13.22 37.60
N GLU D 22 26.38 13.35 36.34
CA GLU D 22 26.68 12.18 35.52
C GLU D 22 27.97 11.49 35.97
N ALA D 23 28.95 12.27 36.44
CA ALA D 23 30.26 11.71 36.73
C ALA D 23 30.23 10.76 37.93
N ASN D 24 29.52 11.13 38.99
CA ASN D 24 29.54 10.38 40.23
C ASN D 24 28.51 9.24 40.16
N ILE D 25 28.91 8.17 39.47
CA ILE D 25 28.12 6.95 39.37
C ILE D 25 29.04 5.76 39.62
N ASP D 26 28.43 4.62 39.91
CA ASP D 26 29.15 3.38 40.18
C ASP D 26 29.20 2.55 38.90
N ARG D 27 30.41 2.20 38.47
CA ARG D 27 30.62 1.46 37.24
C ARG D 27 31.03 0.02 37.55
N ILE D 28 30.83 -0.85 36.56
CA ILE D 28 31.07 -2.28 36.67
C ILE D 28 32.11 -2.67 35.64
N LYS D 29 33.01 -3.57 36.01
CA LYS D 29 34.06 -4.02 35.09
C LYS D 29 33.44 -4.59 33.81
N VAL D 30 34.08 -4.29 32.68
CA VAL D 30 33.54 -4.68 31.37
C VAL D 30 33.44 -6.20 31.25
N SER D 31 34.37 -6.93 31.88
CA SER D 31 34.30 -8.39 31.83
C SER D 31 33.00 -8.91 32.43
N LYS D 32 32.58 -8.32 33.55
CA LYS D 32 31.34 -8.75 34.18
C LYS D 32 30.13 -8.47 33.28
N ALA D 33 30.15 -7.34 32.56
CA ALA D 33 29.06 -7.02 31.66
C ALA D 33 28.95 -8.04 30.53
N ALA D 34 30.10 -8.38 29.94
CA ALA D 34 30.11 -9.40 28.88
C ALA D 34 29.65 -10.75 29.42
N ALA D 35 30.08 -11.10 30.64
CA ALA D 35 29.66 -12.36 31.24
C ALA D 35 28.15 -12.39 31.45
N ASP D 36 27.58 -11.27 31.93
CA ASP D 36 26.13 -11.23 32.15
C ASP D 36 25.36 -11.33 30.84
N LEU D 37 25.82 -10.62 29.80
CA LEU D 37 25.15 -10.72 28.51
C LEU D 37 25.23 -12.14 27.95
N MET D 38 26.40 -12.78 28.06
CA MET D 38 26.54 -14.14 27.58
C MET D 38 25.66 -15.10 28.36
N ALA D 39 25.58 -14.92 29.68
CA ALA D 39 24.74 -15.78 30.50
C ALA D 39 23.27 -15.64 30.13
N TYR D 40 22.81 -14.40 29.91
CA TYR D 40 21.41 -14.22 29.51
C TYR D 40 21.15 -14.84 28.15
N CYS D 41 22.07 -14.66 27.20
CA CYS D 41 21.88 -15.24 25.87
C CYS D 41 21.84 -16.76 25.92
N GLU D 42 22.68 -17.35 26.78
CA GLU D 42 22.72 -18.81 26.89
C GLU D 42 21.49 -19.36 27.57
N ALA D 43 21.03 -18.71 28.64
CA ALA D 43 19.92 -19.26 29.43
C ALA D 43 18.60 -19.29 28.67
N HIS D 44 18.46 -18.51 27.60
CA HIS D 44 17.23 -18.44 26.83
C HIS D 44 17.43 -18.87 25.39
N ALA D 45 18.43 -19.72 25.14
CA ALA D 45 18.73 -20.13 23.77
C ALA D 45 17.63 -21.01 23.19
N LYS D 46 16.98 -21.82 24.00
CA LYS D 46 15.96 -22.75 23.52
C LYS D 46 14.59 -22.10 23.35
N GLU D 47 14.40 -20.88 23.84
CA GLU D 47 13.11 -20.20 23.74
C GLU D 47 13.09 -19.17 22.61
N ASP D 48 14.00 -19.27 21.65
CA ASP D 48 14.06 -18.33 20.53
C ASP D 48 13.67 -19.05 19.24
N PRO D 49 12.44 -18.88 18.75
CA PRO D 49 12.06 -19.50 17.47
C PRO D 49 12.91 -19.04 16.30
N LEU D 50 13.34 -17.78 16.28
CA LEU D 50 14.13 -17.30 15.15
C LEU D 50 15.52 -17.92 15.14
N LEU D 51 16.14 -18.05 16.32
CA LEU D 51 17.48 -18.65 16.39
C LEU D 51 17.42 -20.13 16.07
N THR D 52 16.50 -20.85 16.70
CA THR D 52 16.27 -22.28 16.43
C THR D 52 14.87 -22.46 15.86
N PRO D 53 14.73 -22.71 14.56
CA PRO D 53 13.40 -22.84 13.97
C PRO D 53 12.62 -23.99 14.58
N VAL D 54 11.30 -23.79 14.69
CA VAL D 54 10.39 -24.78 15.28
C VAL D 54 9.85 -25.68 14.18
N PRO D 55 9.35 -26.88 14.50
CA PRO D 55 8.73 -27.71 13.48
C PRO D 55 7.52 -27.05 12.86
N ALA D 56 7.26 -27.38 11.60
CA ALA D 56 6.16 -26.76 10.87
C ALA D 56 4.80 -27.08 11.48
N SER D 57 4.72 -28.10 12.33
CA SER D 57 3.45 -28.43 12.97
C SER D 57 3.01 -27.33 13.92
N GLU D 58 3.95 -26.71 14.62
CA GLU D 58 3.67 -25.67 15.61
C GLU D 58 4.17 -24.30 15.16
N ASN D 59 4.06 -24.01 13.86
CA ASN D 59 4.42 -22.71 13.32
C ASN D 59 3.16 -21.97 12.91
N PRO D 60 2.80 -20.87 13.57
CA PRO D 60 1.54 -20.18 13.22
C PRO D 60 1.51 -19.62 11.82
N PHE D 61 2.65 -19.44 11.16
CA PHE D 61 2.74 -18.77 9.87
C PHE D 61 3.05 -19.73 8.74
N ARG D 62 2.47 -20.93 8.78
CA ARG D 62 2.58 -21.90 7.70
C ARG D 62 1.47 -21.67 6.69
N GLU D 63 1.73 -22.07 5.45
CA GLU D 63 0.74 -21.93 4.38
C GLU D 63 0.42 -23.29 3.76
N ASN E 23 -4.64 -27.90 -65.54
CA ASN E 23 -4.77 -26.58 -64.93
C ASN E 23 -3.41 -25.87 -64.86
N CYS E 24 -3.01 -25.49 -63.65
CA CYS E 24 -1.78 -24.73 -63.45
C CYS E 24 -0.90 -25.48 -62.46
N THR E 25 0.39 -25.62 -62.78
CA THR E 25 1.30 -26.41 -61.96
C THR E 25 1.85 -25.59 -60.80
N ASP E 26 1.91 -26.23 -59.63
CA ASP E 26 2.51 -25.63 -58.44
C ASP E 26 4.00 -25.99 -58.38
N GLU E 27 4.76 -25.33 -59.26
CA GLU E 27 6.18 -25.62 -59.39
C GLU E 27 7.04 -24.86 -58.39
N ASN E 28 6.43 -24.04 -57.53
CA ASN E 28 7.17 -23.27 -56.54
C ASN E 28 7.19 -23.96 -55.17
N ILE E 29 6.88 -25.25 -55.12
CA ILE E 29 6.88 -25.99 -53.85
C ILE E 29 8.30 -26.14 -53.28
N PRO E 30 9.38 -26.12 -54.07
CA PRO E 30 10.71 -26.03 -53.43
C PRO E 30 10.88 -24.79 -52.58
N LEU E 31 10.29 -23.67 -52.98
CA LEU E 31 10.38 -22.46 -52.17
C LEU E 31 9.72 -22.67 -50.81
N LYS E 32 8.55 -23.30 -50.78
CA LYS E 32 7.90 -23.60 -49.52
C LYS E 32 8.68 -24.65 -48.73
N MET E 33 9.42 -25.51 -49.42
CA MET E 33 10.08 -26.64 -48.77
C MET E 33 11.13 -26.18 -47.77
N HIS E 34 11.96 -25.20 -48.14
CA HIS E 34 13.13 -24.85 -47.34
C HIS E 34 13.22 -23.38 -46.97
N TYR E 35 12.14 -22.61 -47.11
CA TYR E 35 12.15 -21.21 -46.69
C TYR E 35 11.15 -20.91 -45.59
N LEU E 36 9.90 -21.31 -45.77
CA LEU E 36 8.89 -21.08 -44.72
C LEU E 36 9.24 -21.76 -43.40
N PRO E 37 9.57 -23.07 -43.36
CA PRO E 37 9.87 -23.69 -42.06
C PRO E 37 11.02 -23.05 -41.31
N VAL E 38 12.08 -22.64 -42.01
CA VAL E 38 13.24 -22.07 -41.32
C VAL E 38 12.87 -20.76 -40.64
N ILE E 39 12.21 -19.86 -41.38
CA ILE E 39 11.83 -18.57 -40.81
C ILE E 39 10.83 -18.74 -39.69
N TYR E 40 9.83 -19.60 -39.89
CA TYR E 40 8.82 -19.80 -38.85
C TYR E 40 9.45 -20.39 -37.60
N GLY E 41 10.37 -21.35 -37.76
CA GLY E 41 11.01 -21.94 -36.61
C GLY E 41 11.89 -20.97 -35.86
N ILE E 42 12.63 -20.13 -36.59
CA ILE E 42 13.44 -19.10 -35.92
C ILE E 42 12.54 -18.16 -35.14
N ILE E 43 11.46 -17.70 -35.76
CA ILE E 43 10.55 -16.76 -35.11
C ILE E 43 9.98 -17.37 -33.85
N PHE E 44 9.49 -18.61 -33.93
CA PHE E 44 8.95 -19.28 -32.76
C PHE E 44 10.02 -19.43 -31.67
N LEU E 45 11.21 -19.86 -32.06
CA LEU E 45 12.25 -20.18 -31.09
C LEU E 45 12.67 -18.96 -30.28
N VAL E 46 12.83 -17.81 -30.93
CA VAL E 46 13.26 -16.65 -30.17
C VAL E 46 12.08 -15.84 -29.60
N GLY E 47 10.87 -16.04 -30.13
CA GLY E 47 9.75 -15.26 -29.63
C GLY E 47 8.88 -15.92 -28.57
N PHE E 48 9.03 -17.22 -28.36
CA PHE E 48 8.25 -17.86 -27.30
C PHE E 48 8.81 -17.52 -25.91
N PRO E 49 10.10 -17.75 -25.64
CA PRO E 49 10.62 -17.40 -24.31
C PRO E 49 10.51 -15.91 -24.00
N GLY E 50 10.63 -15.05 -25.00
CA GLY E 50 10.50 -13.62 -24.74
C GLY E 50 9.11 -13.26 -24.23
N ASN E 51 8.08 -13.77 -24.89
CA ASN E 51 6.72 -13.51 -24.43
C ASN E 51 6.46 -14.14 -23.06
N ALA E 52 7.01 -15.34 -22.83
CA ALA E 52 6.85 -15.96 -21.51
C ALA E 52 7.48 -15.10 -20.42
N VAL E 53 8.70 -14.59 -20.67
CA VAL E 53 9.38 -13.76 -19.70
C VAL E 53 8.62 -12.46 -19.46
N VAL E 54 8.11 -11.85 -20.53
CA VAL E 54 7.35 -10.61 -20.39
C VAL E 54 6.11 -10.84 -19.54
N ILE E 55 5.39 -11.93 -19.80
CA ILE E 55 4.18 -12.23 -19.03
C ILE E 55 4.52 -12.47 -17.56
N SER E 56 5.60 -13.21 -17.29
CA SER E 56 5.99 -13.45 -15.91
C SER E 56 6.38 -12.16 -15.20
N THR E 57 7.10 -11.27 -15.90
CA THR E 57 7.47 -9.99 -15.31
C THR E 57 6.22 -9.15 -15.01
N TYR E 58 5.25 -9.14 -15.92
CA TYR E 58 4.01 -8.41 -15.66
C TYR E 58 3.28 -8.97 -14.45
N ILE E 59 3.22 -10.29 -14.33
CA ILE E 59 2.47 -10.90 -13.24
C ILE E 59 3.16 -10.67 -11.90
N PHE E 60 4.49 -10.77 -11.87
CA PHE E 60 5.21 -10.78 -10.60
C PHE E 60 5.63 -9.39 -10.13
N LYS E 61 6.44 -8.70 -10.92
CA LYS E 61 7.11 -7.49 -10.46
C LYS E 61 6.35 -6.21 -10.79
N MET E 62 5.20 -6.29 -11.44
CA MET E 62 4.37 -5.13 -11.75
C MET E 62 2.92 -5.40 -11.38
N ARG E 63 2.70 -5.97 -10.20
CA ARG E 63 1.35 -6.40 -9.83
C ARG E 63 0.32 -5.28 -9.69
N PRO E 64 0.67 -4.04 -9.34
CA PRO E 64 -0.36 -2.97 -9.34
C PRO E 64 -1.21 -2.90 -10.60
N TRP E 65 -0.65 -3.21 -11.77
CA TRP E 65 -1.42 -3.41 -13.00
C TRP E 65 -2.22 -2.15 -13.37
N LYS E 66 -1.48 -1.11 -13.75
CA LYS E 66 -2.08 0.11 -14.26
C LYS E 66 -2.84 -0.14 -15.56
N SER E 67 -3.48 0.90 -16.10
CA SER E 67 -4.37 0.73 -17.25
C SER E 67 -3.62 0.21 -18.48
N SER E 68 -2.42 0.72 -18.73
CA SER E 68 -1.66 0.29 -19.90
C SER E 68 -1.08 -1.10 -19.74
N THR E 69 -0.78 -1.50 -18.51
CA THR E 69 -0.24 -2.84 -18.28
C THR E 69 -1.24 -3.92 -18.65
N ILE E 70 -2.54 -3.66 -18.47
CA ILE E 70 -3.55 -4.63 -18.86
C ILE E 70 -3.54 -4.85 -20.37
N ILE E 71 -3.47 -3.76 -21.14
CA ILE E 71 -3.44 -3.88 -22.60
C ILE E 71 -2.17 -4.58 -23.04
N MET E 72 -1.03 -4.25 -22.41
CA MET E 72 0.22 -4.91 -22.77
C MET E 72 0.17 -6.39 -22.46
N LEU E 73 -0.42 -6.77 -21.31
CA LEU E 73 -0.55 -8.18 -20.96
C LEU E 73 -1.44 -8.92 -21.96
N ASN E 74 -2.55 -8.29 -22.36
CA ASN E 74 -3.43 -8.92 -23.35
C ASN E 74 -2.71 -9.11 -24.68
N LEU E 75 -1.94 -8.11 -25.11
CA LEU E 75 -1.18 -8.24 -26.35
C LEU E 75 -0.15 -9.35 -26.25
N ALA E 76 0.55 -9.45 -25.12
CA ALA E 76 1.53 -10.52 -24.95
C ALA E 76 0.86 -11.89 -24.96
N CYS E 77 -0.30 -12.00 -24.30
CA CYS E 77 -1.01 -13.27 -24.27
C CYS E 77 -1.46 -13.70 -25.67
N THR E 78 -1.98 -12.75 -26.45
CA THR E 78 -2.41 -13.10 -27.80
C THR E 78 -1.22 -13.40 -28.71
N ASP E 79 -0.07 -12.76 -28.46
CA ASP E 79 1.14 -13.11 -29.21
C ASP E 79 1.60 -14.52 -28.89
N LEU E 80 1.54 -14.91 -27.61
CA LEU E 80 1.88 -16.27 -27.23
C LEU E 80 0.92 -17.28 -27.86
N LEU E 81 -0.37 -16.96 -27.86
CA LEU E 81 -1.35 -17.84 -28.50
C LEU E 81 -1.08 -17.97 -29.99
N TYR E 82 -0.70 -16.87 -30.65
CA TYR E 82 -0.33 -16.91 -32.06
C TYR E 82 0.86 -17.83 -32.28
N LEU E 83 1.93 -17.63 -31.51
CA LEU E 83 3.13 -18.42 -31.71
C LEU E 83 2.93 -19.89 -31.34
N THR E 84 1.91 -20.20 -30.53
CA THR E 84 1.64 -21.59 -30.19
C THR E 84 1.29 -22.42 -31.43
N SER E 85 0.59 -21.81 -32.39
CA SER E 85 0.12 -22.52 -33.57
C SER E 85 1.18 -22.64 -34.66
N LEU E 86 2.43 -22.28 -34.38
CA LEU E 86 3.49 -22.33 -35.38
C LEU E 86 4.03 -23.73 -35.65
N PRO E 87 4.30 -24.57 -34.63
CA PRO E 87 4.87 -25.90 -34.92
C PRO E 87 4.01 -26.77 -35.82
N PHE E 88 2.68 -26.59 -35.81
CA PHE E 88 1.84 -27.39 -36.70
C PHE E 88 2.18 -27.11 -38.16
N LEU E 89 2.18 -25.84 -38.56
CA LEU E 89 2.59 -25.49 -39.92
C LEU E 89 4.06 -25.78 -40.15
N ILE E 90 4.88 -25.74 -39.10
CA ILE E 90 6.29 -26.08 -39.22
C ILE E 90 6.43 -27.53 -39.71
N HIS E 91 5.70 -28.44 -39.08
CA HIS E 91 5.73 -29.83 -39.52
C HIS E 91 5.04 -30.00 -40.87
N TYR E 92 3.98 -29.23 -41.13
CA TYR E 92 3.27 -29.34 -42.40
C TYR E 92 4.19 -28.99 -43.57
N TYR E 93 5.00 -27.95 -43.43
CA TYR E 93 5.88 -27.52 -44.50
C TYR E 93 7.23 -28.24 -44.50
N ALA E 94 7.71 -28.68 -43.33
CA ALA E 94 8.97 -29.41 -43.27
C ALA E 94 8.87 -30.74 -44.02
N SER E 95 7.77 -31.47 -43.81
CA SER E 95 7.48 -32.65 -44.61
C SER E 95 7.01 -32.29 -46.00
N GLY E 96 6.74 -31.02 -46.27
CA GLY E 96 6.19 -30.58 -47.54
C GLY E 96 4.69 -30.70 -47.61
N GLU E 97 4.15 -31.84 -47.19
CA GLU E 97 2.71 -32.10 -47.24
C GLU E 97 2.38 -33.08 -46.13
N ASN E 98 1.24 -33.77 -46.27
CA ASN E 98 0.79 -34.81 -45.34
C ASN E 98 0.52 -34.24 -43.95
N TRP E 99 -0.45 -33.33 -43.90
CA TRP E 99 -0.98 -32.86 -42.62
C TRP E 99 -1.69 -34.02 -41.95
N ILE E 100 -1.09 -34.56 -40.89
CA ILE E 100 -1.57 -35.77 -40.24
C ILE E 100 -2.19 -35.47 -38.87
N PHE E 101 -2.57 -34.22 -38.62
CA PHE E 101 -3.14 -33.84 -37.34
C PHE E 101 -4.67 -33.95 -37.31
N GLY E 102 -5.30 -34.29 -38.42
CA GLY E 102 -6.73 -34.48 -38.48
C GLY E 102 -7.41 -33.45 -39.35
N ASP E 103 -8.73 -33.63 -39.48
CA ASP E 103 -9.56 -32.74 -40.28
C ASP E 103 -10.01 -31.51 -39.51
N PHE E 104 -10.30 -31.66 -38.23
CA PHE E 104 -10.71 -30.52 -37.41
C PHE E 104 -9.51 -29.66 -37.03
N MET E 105 -8.35 -30.28 -36.80
CA MET E 105 -7.18 -29.55 -36.34
C MET E 105 -6.70 -28.54 -37.38
N CYS E 106 -6.77 -28.90 -38.66
CA CYS E 106 -6.36 -27.97 -39.72
C CYS E 106 -7.20 -26.71 -39.68
N LYS E 107 -8.53 -26.87 -39.64
CA LYS E 107 -9.42 -25.72 -39.57
C LYS E 107 -9.17 -24.91 -38.31
N PHE E 108 -8.99 -25.58 -37.18
CA PHE E 108 -8.76 -24.87 -35.92
C PHE E 108 -7.49 -24.04 -35.97
N ILE E 109 -6.41 -24.61 -36.52
CA ILE E 109 -5.13 -23.90 -36.57
C ILE E 109 -5.21 -22.70 -37.52
N ARG E 110 -5.80 -22.92 -38.71
CA ARG E 110 -5.93 -21.83 -39.65
C ARG E 110 -6.83 -20.73 -39.12
N PHE E 111 -7.82 -21.09 -38.30
CA PHE E 111 -8.65 -20.08 -37.65
C PHE E 111 -7.86 -19.31 -36.59
N SER E 112 -7.09 -20.03 -35.77
CA SER E 112 -6.38 -19.41 -34.65
C SER E 112 -5.33 -18.43 -35.15
N PHE E 113 -4.64 -18.77 -36.25
CA PHE E 113 -3.62 -17.88 -36.78
C PHE E 113 -4.19 -16.50 -37.09
N HIS E 114 -5.27 -16.47 -37.89
CA HIS E 114 -5.88 -15.20 -38.27
C HIS E 114 -6.54 -14.52 -37.08
N PHE E 115 -7.15 -15.31 -36.18
CA PHE E 115 -7.78 -14.73 -35.00
C PHE E 115 -6.77 -13.95 -34.17
N ASN E 116 -5.61 -14.55 -33.91
CA ASN E 116 -4.59 -13.88 -33.13
C ASN E 116 -4.01 -12.69 -33.88
N LEU E 117 -3.81 -12.82 -35.19
CA LEU E 117 -3.29 -11.68 -35.96
C LEU E 117 -4.21 -10.47 -35.86
N TYR E 118 -5.50 -10.66 -36.12
CA TYR E 118 -6.42 -9.53 -36.12
C TYR E 118 -6.66 -9.01 -34.70
N SER E 119 -6.63 -9.89 -33.70
CA SER E 119 -6.74 -9.41 -32.32
C SER E 119 -5.55 -8.53 -31.94
N SER E 120 -4.34 -8.91 -32.39
CA SER E 120 -3.18 -8.07 -32.14
C SER E 120 -3.31 -6.71 -32.84
N ILE E 121 -3.84 -6.71 -34.07
CA ILE E 121 -4.07 -5.44 -34.78
C ILE E 121 -5.01 -4.56 -33.97
N LEU E 122 -6.12 -5.13 -33.49
CA LEU E 122 -7.09 -4.34 -32.74
C LEU E 122 -6.52 -3.85 -31.42
N PHE E 123 -5.69 -4.67 -30.76
CA PHE E 123 -5.06 -4.22 -29.52
C PHE E 123 -4.12 -3.05 -29.77
N LEU E 124 -3.35 -3.09 -30.86
CA LEU E 124 -2.50 -1.96 -31.21
C LEU E 124 -3.33 -0.70 -31.45
N THR E 125 -4.45 -0.85 -32.15
CA THR E 125 -5.33 0.29 -32.38
C THR E 125 -5.87 0.87 -31.07
N CYS E 126 -6.28 0.00 -30.16
CA CYS E 126 -6.79 0.46 -28.87
C CYS E 126 -5.71 1.18 -28.07
N PHE E 127 -4.48 0.65 -28.09
CA PHE E 127 -3.39 1.33 -27.39
C PHE E 127 -3.11 2.71 -28.00
N SER E 128 -3.16 2.82 -29.33
CA SER E 128 -2.96 4.12 -29.96
C SER E 128 -4.04 5.10 -29.55
N ILE E 129 -5.30 4.64 -29.49
CA ILE E 129 -6.39 5.52 -29.06
C ILE E 129 -6.18 5.97 -27.62
N PHE E 130 -5.77 5.05 -26.74
CA PHE E 130 -5.52 5.41 -25.34
C PHE E 130 -4.40 6.44 -25.24
N ARG E 131 -3.32 6.26 -26.01
CA ARG E 131 -2.22 7.21 -25.98
C ARG E 131 -2.67 8.58 -26.46
N TYR E 132 -3.45 8.62 -27.54
CA TYR E 132 -3.97 9.89 -28.03
C TYR E 132 -4.81 10.58 -26.97
N CYS E 133 -5.70 9.84 -26.32
CA CYS E 133 -6.55 10.44 -25.30
C CYS E 133 -5.73 10.96 -24.12
N VAL E 134 -4.68 10.23 -23.73
CA VAL E 134 -3.93 10.61 -22.55
C VAL E 134 -2.88 11.70 -22.83
N ILE E 135 -2.53 11.93 -24.08
CA ILE E 135 -1.50 12.92 -24.42
C ILE E 135 -2.13 14.20 -24.97
N ILE E 136 -3.05 14.09 -25.91
CA ILE E 136 -3.66 15.28 -26.50
C ILE E 136 -4.52 16.01 -25.47
N HIS E 137 -5.19 15.27 -24.58
CA HIS E 137 -6.03 15.83 -23.53
C HIS E 137 -5.54 15.31 -22.19
N PRO E 138 -4.47 15.87 -21.64
CA PRO E 138 -3.94 15.39 -20.35
C PRO E 138 -4.79 15.79 -19.15
N MET E 139 -5.81 16.64 -19.34
CA MET E 139 -6.59 17.15 -18.23
C MET E 139 -8.08 16.83 -18.32
N SER E 140 -8.62 16.62 -19.51
CA SER E 140 -10.05 16.49 -19.71
C SER E 140 -10.48 15.04 -19.98
N CYS E 141 -9.75 14.08 -19.43
CA CYS E 141 -10.11 12.67 -19.59
C CYS E 141 -9.57 11.91 -18.38
N PHE E 142 -10.47 11.52 -17.47
CA PHE E 142 -10.08 10.83 -16.26
C PHE E 142 -10.56 9.39 -16.19
N SER E 143 -11.52 9.00 -17.02
CA SER E 143 -11.98 7.61 -17.00
C SER E 143 -10.97 6.68 -17.64
N ILE E 144 -10.10 7.21 -18.51
CA ILE E 144 -9.07 6.39 -19.15
C ILE E 144 -8.11 5.84 -18.10
N HIS E 145 -7.73 6.67 -17.13
CA HIS E 145 -6.79 6.24 -16.11
C HIS E 145 -7.37 5.18 -15.18
N LYS E 146 -8.70 5.03 -15.13
CA LYS E 146 -9.30 3.98 -14.33
C LYS E 146 -8.97 2.61 -14.91
N THR E 147 -8.79 1.64 -14.04
CA THR E 147 -8.32 0.31 -14.44
C THR E 147 -9.47 -0.57 -14.90
N ARG E 148 -10.67 -0.02 -14.95
CA ARG E 148 -11.85 -0.79 -15.31
C ARG E 148 -12.23 -0.54 -16.77
N CYS E 149 -11.71 0.55 -17.34
CA CYS E 149 -11.94 0.82 -18.75
C CYS E 149 -11.10 -0.09 -19.65
N ALA E 150 -9.87 -0.39 -19.24
CA ALA E 150 -9.01 -1.25 -20.04
C ALA E 150 -9.58 -2.66 -20.16
N VAL E 151 -10.17 -3.18 -19.08
CA VAL E 151 -10.76 -4.51 -19.12
C VAL E 151 -11.92 -4.54 -20.11
N VAL E 152 -12.77 -3.52 -20.09
CA VAL E 152 -13.90 -3.45 -21.01
C VAL E 152 -13.40 -3.37 -22.45
N ALA E 153 -12.37 -2.54 -22.68
CA ALA E 153 -11.84 -2.42 -24.04
C ALA E 153 -11.26 -3.74 -24.53
N CYS E 154 -10.54 -4.46 -23.66
CA CYS E 154 -9.98 -5.75 -24.04
C CYS E 154 -11.09 -6.75 -24.34
N ALA E 155 -12.16 -6.76 -23.53
CA ALA E 155 -13.27 -7.65 -23.78
C ALA E 155 -13.93 -7.37 -25.13
N VAL E 156 -14.14 -6.08 -25.44
CA VAL E 156 -14.73 -5.72 -26.73
C VAL E 156 -13.82 -6.13 -27.88
N VAL E 157 -12.51 -5.96 -27.72
CA VAL E 157 -11.58 -6.37 -28.77
C VAL E 157 -11.66 -7.87 -28.99
N TRP E 158 -11.68 -8.66 -27.92
CA TRP E 158 -11.80 -10.11 -28.07
C TRP E 158 -13.10 -10.49 -28.76
N ILE E 159 -14.21 -9.85 -28.38
CA ILE E 159 -15.50 -10.17 -28.98
C ILE E 159 -15.50 -9.86 -30.47
N ILE E 160 -14.96 -8.69 -30.85
CA ILE E 160 -14.91 -8.32 -32.26
C ILE E 160 -14.05 -9.29 -33.05
N SER E 161 -12.89 -9.68 -32.48
CA SER E 161 -12.03 -10.63 -33.17
C SER E 161 -12.73 -11.97 -33.38
N LEU E 162 -13.40 -12.46 -32.33
CA LEU E 162 -14.11 -13.73 -32.46
C LEU E 162 -15.19 -13.65 -33.52
N VAL E 163 -15.97 -12.57 -33.51
CA VAL E 163 -17.06 -12.42 -34.47
C VAL E 163 -16.51 -12.35 -35.89
N ALA E 164 -15.41 -11.63 -36.09
CA ALA E 164 -14.89 -11.43 -37.44
C ALA E 164 -14.21 -12.69 -37.97
N VAL E 165 -13.64 -13.51 -37.10
CA VAL E 165 -12.89 -14.68 -37.56
C VAL E 165 -13.71 -15.97 -37.57
N ILE E 166 -14.84 -16.02 -36.86
CA ILE E 166 -15.66 -17.24 -36.84
C ILE E 166 -16.12 -17.67 -38.23
N PRO E 167 -16.60 -16.78 -39.12
CA PRO E 167 -17.09 -17.26 -40.42
C PRO E 167 -16.04 -17.98 -41.27
N MET E 168 -14.76 -17.76 -41.01
CA MET E 168 -13.71 -18.35 -41.85
C MET E 168 -13.57 -19.85 -41.60
N THR E 169 -14.00 -20.34 -40.44
CA THR E 169 -13.80 -21.75 -40.10
C THR E 169 -14.48 -22.68 -41.10
N PHE E 170 -15.70 -22.35 -41.51
CA PHE E 170 -16.45 -23.20 -42.41
C PHE E 170 -16.18 -22.91 -43.89
N LEU E 171 -15.30 -21.97 -44.20
CA LEU E 171 -14.93 -21.67 -45.57
C LEU E 171 -13.52 -22.15 -45.91
N ILE E 172 -12.92 -22.98 -45.07
CA ILE E 172 -11.57 -23.49 -45.26
C ILE E 172 -11.67 -24.89 -45.86
N THR E 173 -10.91 -25.13 -46.92
CA THR E 173 -10.96 -26.40 -47.63
C THR E 173 -9.84 -27.32 -47.13
N SER E 174 -10.21 -28.55 -46.78
CA SER E 174 -9.26 -29.54 -46.28
C SER E 174 -9.61 -30.88 -46.90
N THR E 175 -8.70 -31.43 -47.71
CA THR E 175 -8.95 -32.68 -48.41
C THR E 175 -7.62 -33.30 -48.81
N ASN E 176 -7.68 -34.55 -49.26
CA ASN E 176 -6.54 -35.26 -49.81
C ASN E 176 -6.78 -35.55 -51.28
N ARG E 177 -5.71 -35.47 -52.08
CA ARG E 177 -5.78 -35.73 -53.52
C ARG E 177 -5.31 -37.13 -53.86
N THR E 178 -5.58 -38.09 -52.97
CA THR E 178 -5.12 -39.49 -53.05
C THR E 178 -3.59 -39.56 -53.09
N ASN E 179 -2.93 -38.42 -52.91
CA ASN E 179 -1.47 -38.37 -52.77
C ASN E 179 -1.07 -37.80 -51.43
N ARG E 180 -1.58 -36.62 -51.06
CA ARG E 180 -1.21 -35.96 -49.82
C ARG E 180 -2.45 -35.25 -49.28
N SER E 181 -2.49 -35.10 -47.96
CA SER E 181 -3.56 -34.37 -47.29
C SER E 181 -3.16 -32.90 -47.18
N ALA E 182 -3.81 -32.04 -47.97
CA ALA E 182 -3.40 -30.65 -48.10
C ALA E 182 -4.33 -29.78 -47.25
N CYS E 183 -3.78 -29.22 -46.18
CA CYS E 183 -4.49 -28.22 -45.37
C CYS E 183 -4.27 -26.86 -46.02
N LEU E 184 -5.21 -26.46 -46.87
CA LEU E 184 -5.08 -25.24 -47.65
C LEU E 184 -5.66 -24.04 -46.91
N ASP E 185 -5.20 -22.85 -47.29
CA ASP E 185 -5.67 -21.61 -46.69
C ASP E 185 -6.77 -21.00 -47.55
N LEU E 186 -7.16 -19.77 -47.23
CA LEU E 186 -8.31 -19.14 -47.89
C LEU E 186 -8.05 -18.93 -49.38
N THR E 187 -6.87 -18.42 -49.73
CA THR E 187 -6.61 -18.05 -51.12
C THR E 187 -6.62 -19.26 -52.04
N SER E 188 -6.02 -20.37 -51.61
CA SER E 188 -5.96 -21.57 -52.44
C SER E 188 -7.18 -22.47 -52.28
N SER E 189 -8.10 -22.12 -51.39
CA SER E 189 -9.30 -22.91 -51.19
C SER E 189 -10.27 -22.72 -52.36
N ASP E 190 -11.15 -23.70 -52.54
CA ASP E 190 -12.12 -23.70 -53.63
C ASP E 190 -13.32 -22.82 -53.22
N GLU E 191 -14.43 -22.97 -53.92
CA GLU E 191 -15.64 -22.13 -53.78
C GLU E 191 -15.29 -20.64 -53.71
N LEU E 192 -14.75 -20.15 -54.82
CA LEU E 192 -14.55 -18.73 -55.01
C LEU E 192 -15.90 -18.01 -55.10
N ASN E 193 -15.85 -16.68 -55.23
CA ASN E 193 -16.99 -15.78 -55.25
C ASN E 193 -17.70 -15.71 -53.91
N THR E 194 -17.28 -16.53 -52.94
CA THR E 194 -17.71 -16.42 -51.55
C THR E 194 -16.56 -16.08 -50.62
N ILE E 195 -15.38 -16.61 -50.90
CA ILE E 195 -14.18 -16.20 -50.19
C ILE E 195 -13.83 -14.76 -50.53
N LYS E 196 -14.08 -14.35 -51.79
CA LYS E 196 -13.68 -13.01 -52.23
C LYS E 196 -14.42 -11.93 -51.45
N TRP E 197 -15.74 -12.02 -51.35
CA TRP E 197 -16.51 -10.96 -50.70
C TRP E 197 -16.27 -10.95 -49.20
N TYR E 198 -16.17 -12.13 -48.58
CA TYR E 198 -15.86 -12.19 -47.15
C TYR E 198 -14.48 -11.60 -46.88
N ASN E 199 -13.50 -11.90 -47.75
CA ASN E 199 -12.16 -11.34 -47.60
C ASN E 199 -12.19 -9.82 -47.74
N LEU E 200 -12.93 -9.31 -48.72
CA LEU E 200 -13.00 -7.86 -48.92
C LEU E 200 -13.63 -7.18 -47.71
N ILE E 201 -14.72 -7.74 -47.19
CA ILE E 201 -15.37 -7.16 -46.01
C ILE E 201 -14.43 -7.23 -44.81
N LEU E 202 -13.75 -8.37 -44.63
CA LEU E 202 -12.86 -8.53 -43.50
C LEU E 202 -11.70 -7.54 -43.54
N THR E 203 -11.09 -7.36 -44.72
CA THR E 203 -10.02 -6.40 -44.84
C THR E 203 -10.53 -4.99 -44.57
N ALA E 204 -11.54 -4.55 -45.32
CA ALA E 204 -12.03 -3.18 -45.18
C ALA E 204 -12.57 -2.88 -43.79
N THR E 205 -12.91 -3.91 -43.02
CA THR E 205 -13.44 -3.68 -41.67
C THR E 205 -12.35 -3.73 -40.60
N THR E 206 -11.49 -4.74 -40.64
CA THR E 206 -10.59 -5.02 -39.54
C THR E 206 -9.14 -4.62 -39.82
N PHE E 207 -8.83 -4.14 -41.02
CA PHE E 207 -7.52 -3.58 -41.29
C PHE E 207 -7.57 -2.14 -41.79
N CYS E 208 -8.43 -1.85 -42.77
CA CYS E 208 -8.44 -0.52 -43.37
C CYS E 208 -8.84 0.55 -42.38
N LEU E 209 -9.88 0.28 -41.57
CA LEU E 209 -10.30 1.28 -40.59
C LEU E 209 -9.28 1.44 -39.47
N PRO E 210 -8.77 0.38 -38.82
CA PRO E 210 -7.74 0.59 -37.79
C PRO E 210 -6.47 1.23 -38.32
N LEU E 211 -6.11 0.99 -39.57
CA LEU E 211 -4.93 1.66 -40.14
C LEU E 211 -5.13 3.17 -40.17
N VAL E 212 -6.30 3.62 -40.63
CA VAL E 212 -6.59 5.04 -40.66
C VAL E 212 -6.65 5.61 -39.24
N ILE E 213 -7.25 4.86 -38.31
CA ILE E 213 -7.35 5.33 -36.93
C ILE E 213 -5.96 5.51 -36.32
N VAL E 214 -5.08 4.53 -36.54
CA VAL E 214 -3.73 4.60 -36.00
C VAL E 214 -2.97 5.77 -36.61
N THR E 215 -3.07 5.94 -37.92
CA THR E 215 -2.37 7.05 -38.58
C THR E 215 -2.85 8.39 -38.05
N LEU E 216 -4.16 8.56 -37.94
CA LEU E 216 -4.71 9.83 -37.47
C LEU E 216 -4.36 10.08 -36.01
N CYS E 217 -4.30 9.04 -35.19
CA CYS E 217 -3.97 9.22 -33.78
C CYS E 217 -2.49 9.50 -33.57
N TYR E 218 -1.62 9.01 -34.46
CA TYR E 218 -0.19 9.21 -34.25
C TYR E 218 0.36 10.47 -34.94
N THR E 219 -0.22 10.87 -36.08
CA THR E 219 0.21 12.11 -36.70
C THR E 219 -0.08 13.31 -35.79
N THR E 220 -1.26 13.30 -35.16
CA THR E 220 -1.60 14.35 -34.21
C THR E 220 -0.64 14.36 -33.03
N ILE E 221 -0.27 13.18 -32.52
CA ILE E 221 0.66 13.11 -31.40
C ILE E 221 2.00 13.71 -31.80
N ILE E 222 2.49 13.36 -33.00
CA ILE E 222 3.77 13.92 -33.46
C ILE E 222 3.66 15.44 -33.60
N HIS E 223 2.55 15.92 -34.17
CA HIS E 223 2.40 17.36 -34.39
C HIS E 223 2.37 18.13 -33.07
N THR E 224 1.64 17.62 -32.07
CA THR E 224 1.62 18.30 -30.78
C THR E 224 2.92 18.12 -30.02
N LEU E 225 3.72 17.09 -30.34
CA LEU E 225 5.03 16.96 -29.72
C LEU E 225 6.02 17.94 -30.33
N THR E 226 5.87 18.28 -31.60
CA THR E 226 6.78 19.23 -32.25
C THR E 226 6.43 20.69 -31.96
N HIS E 227 5.30 20.95 -31.31
CA HIS E 227 4.89 22.31 -30.95
C HIS E 227 4.57 22.36 -29.46
N GLY E 228 4.02 23.48 -29.03
CA GLY E 228 3.60 23.65 -27.65
C GLY E 228 4.61 24.37 -26.78
N LEU E 229 5.08 23.69 -25.74
CA LEU E 229 6.01 24.26 -24.78
C LEU E 229 7.18 23.31 -24.55
N GLN E 230 8.38 23.88 -24.46
CA GLN E 230 9.59 23.14 -24.08
C GLN E 230 9.87 21.99 -25.05
N THR E 231 10.09 22.36 -26.32
CA THR E 231 10.38 21.37 -27.35
C THR E 231 11.81 20.87 -27.29
N ASP E 232 12.68 21.48 -26.48
CA ASP E 232 14.07 21.07 -26.38
C ASP E 232 14.28 19.89 -25.43
N SER E 233 13.22 19.41 -24.79
CA SER E 233 13.36 18.30 -23.85
C SER E 233 13.80 17.03 -24.56
N CYS E 234 14.59 16.22 -23.87
CA CYS E 234 15.03 14.95 -24.43
C CYS E 234 13.87 13.97 -24.59
N LEU E 235 12.87 14.07 -23.72
CA LEU E 235 11.75 13.13 -23.75
C LEU E 235 10.93 13.29 -25.03
N LYS E 236 10.69 14.53 -25.46
CA LYS E 236 9.83 14.75 -26.62
C LYS E 236 10.45 14.19 -27.89
N GLN E 237 11.76 14.40 -28.08
CA GLN E 237 12.42 13.90 -29.27
C GLN E 237 12.38 12.37 -29.33
N LYS E 238 12.65 11.73 -28.19
CA LYS E 238 12.60 10.27 -28.14
C LYS E 238 11.19 9.76 -28.43
N ALA E 239 10.19 10.42 -27.85
CA ALA E 239 8.80 10.00 -28.08
C ALA E 239 8.43 10.14 -29.54
N ARG E 240 8.82 11.24 -30.18
CA ARG E 240 8.51 11.45 -31.59
C ARG E 240 9.22 10.42 -32.48
N ARG E 241 10.49 10.14 -32.20
CA ARG E 241 11.20 9.12 -32.96
C ARG E 241 10.55 7.75 -32.80
N LEU E 242 10.16 7.40 -31.57
CA LEU E 242 9.51 6.12 -31.34
C LEU E 242 8.16 6.05 -32.03
N THR E 243 7.40 7.14 -32.06
CA THR E 243 6.13 7.15 -32.77
C THR E 243 6.33 6.91 -34.27
N ILE E 244 7.35 7.56 -34.85
CA ILE E 244 7.66 7.32 -36.26
C ILE E 244 8.01 5.86 -36.49
N LEU E 245 8.80 5.27 -35.58
CA LEU E 245 9.17 3.87 -35.72
C LEU E 245 7.95 2.97 -35.64
N LEU E 246 7.02 3.26 -34.72
CA LEU E 246 5.81 2.45 -34.59
C LEU E 246 4.98 2.50 -35.86
N LEU E 247 4.81 3.70 -36.42
CA LEU E 247 4.03 3.83 -37.66
C LEU E 247 4.69 3.07 -38.80
N LEU E 248 6.02 3.18 -38.93
CA LEU E 248 6.73 2.48 -39.98
C LEU E 248 6.57 0.97 -39.84
N ALA E 249 6.72 0.46 -38.62
CA ALA E 249 6.59 -0.98 -38.39
C ALA E 249 5.19 -1.47 -38.75
N PHE E 250 4.16 -0.76 -38.28
CA PHE E 250 2.79 -1.15 -38.57
C PHE E 250 2.56 -1.21 -40.08
N TYR E 251 2.90 -0.12 -40.78
CA TYR E 251 2.66 -0.07 -42.22
C TYR E 251 3.39 -1.19 -42.95
N VAL E 252 4.69 -1.32 -42.68
CA VAL E 252 5.51 -2.30 -43.41
C VAL E 252 5.01 -3.71 -43.14
N CYS E 253 4.68 -4.03 -41.89
CA CYS E 253 4.28 -5.39 -41.56
C CYS E 253 2.89 -5.74 -42.05
N PHE E 254 1.98 -4.76 -42.20
CA PHE E 254 0.60 -5.11 -42.46
C PHE E 254 0.06 -4.75 -43.84
N LEU E 255 0.72 -3.88 -44.60
CA LEU E 255 0.13 -3.54 -45.89
C LEU E 255 0.35 -4.62 -46.96
N PRO E 256 1.59 -5.08 -47.19
CA PRO E 256 1.82 -6.02 -48.30
C PRO E 256 1.02 -7.31 -48.19
N PHE E 257 0.84 -7.83 -46.97
CA PHE E 257 0.12 -9.08 -46.79
C PHE E 257 -1.31 -8.98 -47.32
N HIS E 258 -2.05 -7.97 -46.87
CA HIS E 258 -3.43 -7.80 -47.32
C HIS E 258 -3.51 -7.46 -48.80
N ILE E 259 -2.60 -6.60 -49.28
CA ILE E 259 -2.63 -6.23 -50.69
C ILE E 259 -2.45 -7.47 -51.56
N LEU E 260 -1.39 -8.24 -51.29
CA LEU E 260 -1.11 -9.42 -52.10
C LEU E 260 -2.19 -10.49 -51.93
N ARG E 261 -2.84 -10.55 -50.77
CA ARG E 261 -3.99 -11.45 -50.62
C ARG E 261 -5.09 -11.06 -51.60
N VAL E 262 -5.39 -9.75 -51.69
CA VAL E 262 -6.46 -9.31 -52.59
C VAL E 262 -6.12 -9.61 -54.04
N ILE E 263 -4.89 -9.28 -54.46
CA ILE E 263 -4.52 -9.55 -55.85
C ILE E 263 -4.48 -11.05 -56.14
N ARG E 264 -4.01 -11.87 -55.20
CA ARG E 264 -3.98 -13.32 -55.44
C ARG E 264 -5.40 -13.87 -55.59
N ILE E 265 -6.31 -13.45 -54.71
CA ILE E 265 -7.69 -13.94 -54.80
C ILE E 265 -8.30 -13.52 -56.13
N GLU E 266 -8.09 -12.28 -56.54
CA GLU E 266 -8.65 -11.82 -57.81
C GLU E 266 -8.03 -12.54 -59.00
N SER E 267 -6.72 -12.82 -58.93
CA SER E 267 -6.04 -13.48 -60.04
C SER E 267 -6.48 -14.94 -60.18
N ARG E 268 -6.84 -15.58 -59.07
CA ARG E 268 -7.36 -16.94 -59.18
C ARG E 268 -8.75 -17.00 -59.80
N LEU E 269 -9.41 -15.87 -60.01
CA LEU E 269 -10.76 -15.81 -60.54
C LEU E 269 -10.79 -15.11 -61.90
N LEU E 270 -9.83 -15.42 -62.76
CA LEU E 270 -9.74 -14.79 -64.08
C LEU E 270 -9.14 -15.79 -65.06
N SER E 271 -9.06 -15.37 -66.32
CA SER E 271 -8.48 -16.18 -67.39
C SER E 271 -7.01 -15.86 -67.62
N ILE E 272 -6.30 -15.41 -66.57
CA ILE E 272 -4.89 -15.07 -66.71
C ILE E 272 -4.05 -16.33 -66.78
N SER E 273 -2.88 -16.19 -67.41
CA SER E 273 -1.97 -17.31 -67.56
C SER E 273 -1.09 -17.47 -66.32
N CYS E 274 -0.36 -18.58 -66.28
CA CYS E 274 0.53 -18.87 -65.16
C CYS E 274 1.92 -18.30 -65.35
N SER E 275 2.14 -17.50 -66.38
CA SER E 275 3.44 -16.86 -66.56
C SER E 275 3.76 -15.93 -65.39
N ILE E 276 2.71 -15.36 -64.77
CA ILE E 276 2.89 -14.51 -63.59
C ILE E 276 2.12 -15.00 -62.37
N GLU E 277 1.28 -16.02 -62.52
CA GLU E 277 0.55 -16.57 -61.37
C GLU E 277 1.52 -17.11 -60.33
N ASN E 278 2.59 -17.77 -60.77
CA ASN E 278 3.58 -18.28 -59.83
C ASN E 278 4.26 -17.15 -59.07
N GLN E 279 4.57 -16.05 -59.75
CA GLN E 279 5.15 -14.90 -59.06
C GLN E 279 4.17 -14.29 -58.06
N ILE E 280 2.89 -14.23 -58.41
CA ILE E 280 1.90 -13.72 -57.46
C ILE E 280 1.84 -14.61 -56.22
N HIS E 281 1.81 -15.92 -56.42
CA HIS E 281 1.76 -16.85 -55.30
C HIS E 281 3.01 -16.74 -54.44
N GLU E 282 4.19 -16.62 -55.07
CA GLU E 282 5.43 -16.48 -54.31
C GLU E 282 5.48 -15.16 -53.57
N ALA E 283 4.90 -14.09 -54.14
CA ALA E 283 4.84 -12.83 -53.42
C ALA E 283 3.97 -12.94 -52.18
N TYR E 284 2.83 -13.63 -52.30
CA TYR E 284 1.99 -13.88 -51.12
C TYR E 284 2.75 -14.69 -50.06
N ILE E 285 3.45 -15.74 -50.51
CA ILE E 285 4.20 -16.59 -49.60
C ILE E 285 5.26 -15.79 -48.85
N VAL E 286 5.97 -14.92 -49.56
CA VAL E 286 6.97 -14.07 -48.92
C VAL E 286 6.31 -13.04 -48.00
N SER E 287 5.10 -12.60 -48.35
CA SER E 287 4.44 -11.54 -47.57
C SER E 287 4.02 -12.04 -46.20
N ARG E 288 3.57 -13.28 -46.09
CA ARG E 288 3.10 -13.77 -44.79
C ARG E 288 4.14 -13.66 -43.66
N PRO E 289 5.41 -14.04 -43.83
CA PRO E 289 6.36 -13.93 -42.72
C PRO E 289 6.58 -12.50 -42.21
N LEU E 290 6.28 -11.47 -43.00
CA LEU E 290 6.33 -10.11 -42.46
C LEU E 290 5.26 -9.90 -41.40
N ALA E 291 4.03 -10.36 -41.68
CA ALA E 291 2.99 -10.34 -40.67
C ALA E 291 3.37 -11.20 -39.48
N ALA E 292 4.17 -12.25 -39.69
CA ALA E 292 4.71 -12.98 -38.55
C ALA E 292 5.72 -12.13 -37.76
N LEU E 293 6.61 -11.44 -38.46
CA LEU E 293 7.67 -10.62 -37.87
C LEU E 293 7.15 -9.42 -37.10
N ASN E 294 5.90 -9.01 -37.35
CA ASN E 294 5.37 -7.92 -36.53
C ASN E 294 5.31 -8.28 -35.05
N THR E 295 5.33 -9.57 -34.70
CA THR E 295 5.47 -9.94 -33.29
C THR E 295 6.81 -9.48 -32.73
N PHE E 296 7.89 -9.69 -33.49
CA PHE E 296 9.20 -9.19 -33.08
C PHE E 296 9.16 -7.67 -32.99
N GLY E 297 8.52 -7.03 -33.96
CA GLY E 297 8.38 -5.58 -33.91
C GLY E 297 7.69 -5.10 -32.65
N ASN E 298 6.59 -5.76 -32.27
CA ASN E 298 5.88 -5.41 -31.06
C ASN E 298 6.75 -5.59 -29.83
N LEU E 299 7.46 -6.72 -29.75
CA LEU E 299 8.30 -6.99 -28.59
C LEU E 299 9.39 -5.94 -28.44
N LEU E 300 10.01 -5.55 -29.56
CA LEU E 300 11.09 -4.56 -29.48
C LEU E 300 10.55 -3.17 -29.16
N LEU E 301 9.46 -2.75 -29.82
CA LEU E 301 9.04 -1.36 -29.78
C LEU E 301 8.00 -1.05 -28.71
N TYR E 302 7.51 -2.06 -27.97
CA TYR E 302 6.48 -1.80 -26.97
C TYR E 302 6.85 -2.22 -25.56
N VAL E 303 7.90 -3.02 -25.37
CA VAL E 303 8.25 -3.56 -24.06
C VAL E 303 9.67 -3.19 -23.67
N VAL E 304 10.65 -3.48 -24.53
CA VAL E 304 12.05 -3.27 -24.17
C VAL E 304 12.36 -1.79 -24.02
N VAL E 305 11.77 -0.95 -24.86
CA VAL E 305 12.06 0.48 -24.82
C VAL E 305 11.46 1.19 -23.62
N SER E 306 10.50 0.56 -22.94
CA SER E 306 9.86 1.19 -21.79
C SER E 306 10.79 1.14 -20.58
N ASP E 307 10.78 2.22 -19.80
CA ASP E 307 11.68 2.31 -18.65
C ASP E 307 11.19 1.43 -17.49
N ASN E 308 9.87 1.27 -17.37
CA ASN E 308 9.33 0.49 -16.26
C ASN E 308 9.76 -0.97 -16.35
N PHE E 309 9.74 -1.55 -17.55
CA PHE E 309 10.16 -2.94 -17.73
C PHE E 309 11.63 -3.11 -17.36
N GLN E 310 12.48 -2.17 -17.79
CA GLN E 310 13.89 -2.23 -17.44
C GLN E 310 14.10 -2.13 -15.95
N GLN E 311 13.36 -1.24 -15.29
CA GLN E 311 13.46 -1.13 -13.83
C GLN E 311 13.02 -2.42 -13.15
N ALA E 312 11.96 -3.05 -13.64
CA ALA E 312 11.49 -4.28 -13.02
C ALA E 312 12.51 -5.41 -13.19
N VAL E 313 13.08 -5.57 -14.38
CA VAL E 313 14.05 -6.64 -14.59
C VAL E 313 15.33 -6.37 -13.79
N CYS E 314 15.74 -5.10 -13.71
CA CYS E 314 16.89 -4.76 -12.87
C CYS E 314 16.60 -5.06 -11.40
N SER E 315 15.37 -4.78 -10.96
CA SER E 315 15.03 -5.03 -9.56
C SER E 315 15.08 -6.52 -9.23
N THR E 316 14.51 -7.36 -10.11
CA THR E 316 14.54 -8.80 -9.82
C THR E 316 15.96 -9.34 -9.92
N VAL E 317 16.76 -8.83 -10.86
CA VAL E 317 18.15 -9.27 -10.97
C VAL E 317 18.92 -8.90 -9.70
N ARG E 318 18.73 -7.67 -9.21
CA ARG E 318 19.42 -7.24 -7.99
C ARG E 318 18.96 -8.05 -6.77
N CYS E 319 17.66 -8.36 -6.70
CA CYS E 319 17.16 -9.18 -5.61
C CYS E 319 17.78 -10.57 -5.64
N LYS E 320 17.92 -11.15 -6.83
CA LYS E 320 18.59 -12.44 -6.96
C LYS E 320 20.05 -12.35 -6.56
N VAL E 321 20.72 -11.25 -6.94
CA VAL E 321 22.14 -11.10 -6.61
C VAL E 321 22.34 -11.01 -5.11
N SER E 322 21.50 -10.20 -4.44
CA SER E 322 21.61 -10.02 -2.99
C SER E 322 20.75 -11.03 -2.24
C1 CLR F . -8.84 -10.51 -16.48
C2 CLR F . -8.90 -9.31 -15.53
C3 CLR F . -7.54 -8.74 -15.27
C4 CLR F . -6.92 -8.33 -16.59
C5 CLR F . -6.82 -9.51 -17.53
C6 CLR F . -5.66 -9.90 -18.02
C7 CLR F . -5.47 -10.97 -19.04
C8 CLR F . -6.79 -11.44 -19.64
C9 CLR F . -7.84 -11.58 -18.53
C10 CLR F . -8.13 -10.23 -17.82
C11 CLR F . -9.11 -12.28 -19.02
C12 CLR F . -8.83 -13.61 -19.71
C13 CLR F . -7.90 -13.41 -20.90
C14 CLR F . -6.61 -12.77 -20.36
C15 CLR F . -5.62 -12.84 -21.52
C16 CLR F . -6.11 -14.06 -22.35
C17 CLR F . -7.27 -14.67 -21.55
C18 CLR F . -8.57 -12.53 -21.97
C19 CLR F . -9.01 -9.31 -18.69
C20 CLR F . -8.14 -15.62 -22.39
C21 CLR F . -7.63 -17.07 -22.32
C22 CLR F . -8.20 -15.16 -23.85
C23 CLR F . -9.19 -15.88 -24.72
C24 CLR F . -8.54 -16.60 -25.88
C25 CLR F . -9.10 -17.99 -26.18
C26 CLR F . -8.36 -18.64 -27.34
C27 CLR F . -9.07 -18.88 -24.96
O1 CLR F . -7.64 -7.61 -14.39
C13 A1D7P G . -12.87 8.06 -24.30
C17 A1D7P G . -12.94 2.69 -26.28
C20 A1D7P G . -13.06 0.48 -29.32
C21 A1D7P G . -11.79 0.07 -30.10
C22 A1D7P G . -11.17 -0.55 -31.13
C24 A1D7P G . -11.67 -0.42 -33.57
C26 A1D7P G . -12.39 -2.45 -34.80
C28 A1D7P G . -14.24 -2.49 -36.58
C01 A1D7P G . -15.80 2.15 -20.96
O02 A1D7P G . -15.39 3.34 -21.09
O03 A1D7P G . -16.44 1.84 -19.92
C04 A1D7P G . -15.56 1.11 -22.04
N05 A1D7P G . -16.63 1.19 -23.02
C06 A1D7P G . -14.25 1.31 -22.80
S07 A1D7P G . -14.54 1.58 -24.59
C08 A1D7P G . -13.99 3.19 -25.28
C09 A1D7P G . -13.66 4.24 -24.19
O10 A1D7P G . -12.68 3.73 -23.33
C11 A1D7P G . -13.18 5.54 -24.87
C12 A1D7P G . -13.84 6.87 -24.42
C14 A1D7P G . -13.19 8.92 -23.06
O15 A1D7P G . -14.40 9.16 -22.76
O16 A1D7P G . -12.27 9.39 -22.34
C18 A1D7P G . -13.02 1.91 -27.39
C19 A1D7P G . -12.21 1.27 -28.50
C23 A1D7P G . -11.17 -1.36 -32.45
C25 A1D7P G . -12.24 -0.92 -34.68
C27 A1D7P G . -13.87 -2.79 -35.11
C29 A1D7P G . -15.76 -2.59 -36.84
C30 A1D7P G . -16.26 -1.58 -37.91
#